data_3ER9
#
_entry.id   3ER9
#
_cell.length_a   69.531
_cell.length_b   91.977
_cell.length_c   133.734
_cell.angle_alpha   90.00
_cell.angle_beta   90.00
_cell.angle_gamma   90.00
#
_symmetry.space_group_name_H-M   'P 21 21 21'
#
loop_
_entity.id
_entity.type
_entity.pdbx_description
1 polymer "Cap-specific mRNA (nucleoside-2'-O-)-methyltransferase"
2 polymer 'Poly(A) polymerase catalytic subunit'
3 polymer "5'-R(UP*U)-3'"
4 non-polymer GLYCEROL
5 non-polymer "3'-DEOXYADENOSINE-5'-TRIPHOSPHATE"
6 non-polymer 'CALCIUM ION'
7 water water
#
loop_
_entity_poly.entity_id
_entity_poly.type
_entity_poly.pdbx_seq_one_letter_code
_entity_poly.pdbx_strand_id
1 'polypeptide(L)'
;MDVVSLDKPFMYFEEIDNELDYEPESANEVAKKLPYQGQLKLLLGELFFLSKLQRHGILDGATVVYIGSAPGTHIRYLRD
HFYNLGVIIKWMLIDGRHHDPILNGLRDVTLVTRFVDEEYLRSIKKQLHPSKIILISDVASAAGGNEPSTADLLSNYALQ
NVMISILNPVASSLKWRCPFPDQWIKDFYIPHGNKMLQPFAPSYSAEMRLLSIYTGENMRLTRVTKSDAVNYEKKMYYLN
KIVRNKVVVNFDYPNQEYDYFHMYFMLRTVYCNKTFPTTKAKVLFLQQSIFRFLNIP
;
A
2 'polypeptide(L)'
;MNRNPDQNTLPNITLKIIETYLGRVPSVNEYHMLKSQARNIQKITVFNKDIFVSLVKKNKKRFFSDVNTSASEIKDRILS
YFSKQTQTYNIGKLFTIIELQSVLVTTYTDILGVLTIKAPNVISSKISYNVTSMEELARDMLNSMNVAVIDKAKVMGRHN
VSSLVKNVNKLMEEYLRRHNKSCICYGSYSLYLINPNIRYGDIDILQTNSRTFLIDLAFLIKFITGNNIILSKIPYLRNY
MVIKDENDNHIIDSFNIRQDTMNVVPKIFIDNIYIVDPTFQLLNMIKMFSQIDRLEDLSKDPEKFNARMATMLEYVRYTH
GIVFDGKRNNMPMKCIIDENNRIVTVTTKDYFSFKKCLVYLDENVLSSDILDLNADTSCDFESVTNSVYLIHDNIMYTYF
SNTILLSDKGKVHEISARGLCAHILLYQMLTSGEYKQCLSDLLNSMMNRDKIPIYSHTERDKKPGRHGFINIEKDIIVF
;
B
3 'polyribonucleotide' UU D
#
# COMPACT_ATOMS: atom_id res chain seq x y z
N MET A 1 42.49 0.77 14.05
CA MET A 1 42.43 2.13 13.42
C MET A 1 41.03 2.74 13.55
N ASP A 2 40.58 3.44 12.52
CA ASP A 2 39.25 4.05 12.54
C ASP A 2 38.21 3.04 12.07
N VAL A 3 38.16 1.91 12.75
CA VAL A 3 37.23 0.84 12.43
C VAL A 3 36.30 0.60 13.61
N VAL A 4 35.15 -0.01 13.33
CA VAL A 4 34.18 -0.29 14.38
C VAL A 4 33.32 -1.46 13.94
N SER A 5 32.73 -2.15 14.91
CA SER A 5 31.81 -3.24 14.58
C SER A 5 30.51 -2.79 15.24
N LEU A 6 29.43 -2.75 14.48
CA LEU A 6 28.13 -2.29 14.99
C LEU A 6 26.97 -3.26 14.74
N ASP A 7 26.02 -3.29 15.65
CA ASP A 7 24.83 -4.14 15.47
C ASP A 7 24.02 -3.51 14.35
N LYS A 8 23.99 -2.18 14.35
CA LYS A 8 23.24 -1.42 13.36
C LYS A 8 23.60 0.06 13.43
N PRO A 9 23.27 0.83 12.39
CA PRO A 9 23.59 2.26 12.38
C PRO A 9 22.56 3.04 13.20
N PHE A 10 22.83 4.32 13.45
CA PHE A 10 21.87 5.15 14.16
C PHE A 10 20.85 5.60 13.12
N MET A 11 19.60 5.14 13.26
CA MET A 11 18.56 5.49 12.30
C MET A 11 17.86 6.79 12.65
N TYR A 12 17.74 7.07 13.94
CA TYR A 12 17.09 8.28 14.42
C TYR A 12 17.97 8.98 15.44
N PHE A 13 17.81 10.30 15.54
CA PHE A 13 18.57 11.14 16.45
C PHE A 13 18.64 10.60 17.88
N GLU A 14 17.48 10.26 18.42
CA GLU A 14 17.31 9.73 19.77
C GLU A 14 18.20 8.51 20.05
N GLU A 15 18.72 7.88 18.99
CA GLU A 15 19.57 6.71 19.17
C GLU A 15 21.05 7.04 19.30
N ILE A 16 21.46 8.23 18.86
CA ILE A 16 22.86 8.62 19.00
C ILE A 16 23.16 8.55 20.50
N ASP A 17 24.12 7.71 20.87
CA ASP A 17 24.44 7.51 22.28
C ASP A 17 25.63 8.26 22.88
N ASN A 18 26.12 9.28 22.20
CA ASN A 18 27.23 10.04 22.75
C ASN A 18 27.22 11.45 22.17
N GLU A 19 28.05 12.32 22.73
CA GLU A 19 28.14 13.69 22.26
C GLU A 19 29.58 14.14 22.17
N LEU A 20 29.78 15.33 21.60
CA LEU A 20 31.11 15.90 21.44
C LEU A 20 30.91 17.38 21.14
N ASP A 21 31.60 18.24 21.88
CA ASP A 21 31.48 19.69 21.68
C ASP A 21 31.91 20.09 20.29
N TYR A 22 31.03 20.81 19.59
CA TYR A 22 31.29 21.26 18.24
C TYR A 22 32.61 22.01 18.10
N GLU A 23 33.37 21.66 17.06
CA GLU A 23 34.66 22.29 16.80
C GLU A 23 34.62 22.93 15.42
N PRO A 24 34.59 24.28 15.36
CA PRO A 24 34.55 25.03 14.11
C PRO A 24 35.69 24.71 13.14
N GLU A 25 36.77 24.12 13.66
CA GLU A 25 37.92 23.76 12.83
C GLU A 25 37.52 22.81 11.70
N SER A 26 36.36 22.18 11.85
CA SER A 26 35.87 21.24 10.85
C SER A 26 35.02 21.97 9.81
N LYS A 33 31.32 14.74 -1.62
CA LYS A 33 32.42 13.91 -2.07
C LYS A 33 31.98 12.99 -3.21
N LEU A 34 30.67 12.78 -3.32
CA LEU A 34 30.13 11.95 -4.39
C LEU A 34 29.36 12.87 -5.32
N PRO A 35 29.49 12.67 -6.63
CA PRO A 35 28.75 13.55 -7.55
C PRO A 35 27.25 13.37 -7.27
N TYR A 36 26.50 14.47 -7.34
CA TYR A 36 25.06 14.40 -7.09
C TYR A 36 24.74 13.79 -5.73
N GLN A 37 25.58 14.08 -4.74
CA GLN A 37 25.37 13.52 -3.41
C GLN A 37 24.11 14.07 -2.75
N GLY A 38 23.75 15.29 -3.10
CA GLY A 38 22.55 15.91 -2.54
C GLY A 38 21.30 15.15 -2.97
N GLN A 39 21.27 14.78 -4.24
CA GLN A 39 20.12 14.07 -4.79
C GLN A 39 20.05 12.67 -4.20
N LEU A 40 21.22 12.08 -3.93
CA LEU A 40 21.29 10.75 -3.34
C LEU A 40 20.72 10.80 -1.92
N LYS A 41 21.13 11.81 -1.17
CA LYS A 41 20.68 12.01 0.20
C LYS A 41 19.14 12.07 0.27
N LEU A 42 18.56 12.87 -0.62
CA LEU A 42 17.12 13.03 -0.68
C LEU A 42 16.43 11.75 -1.18
N LEU A 43 16.97 11.15 -2.24
CA LEU A 43 16.38 9.93 -2.78
C LEU A 43 16.24 8.88 -1.67
N LEU A 44 17.34 8.61 -0.96
CA LEU A 44 17.32 7.62 0.12
C LEU A 44 16.32 7.90 1.23
N GLY A 45 16.33 9.13 1.74
CA GLY A 45 15.42 9.51 2.81
C GLY A 45 13.96 9.43 2.43
N GLU A 46 13.64 9.88 1.22
CA GLU A 46 12.25 9.84 0.75
C GLU A 46 11.80 8.43 0.38
N LEU A 47 12.72 7.62 -0.15
CA LEU A 47 12.40 6.24 -0.51
C LEU A 47 12.10 5.51 0.80
N PHE A 48 12.90 5.82 1.82
CA PHE A 48 12.74 5.20 3.14
C PHE A 48 11.41 5.65 3.77
N PHE A 49 11.17 6.96 3.81
CA PHE A 49 9.94 7.49 4.38
C PHE A 49 8.70 6.92 3.67
N LEU A 50 8.65 7.06 2.35
CA LEU A 50 7.55 6.57 1.54
C LEU A 50 7.36 5.05 1.59
N SER A 51 8.45 4.29 1.67
CA SER A 51 8.32 2.84 1.77
C SER A 51 7.70 2.51 3.14
N LYS A 52 8.08 3.26 4.17
CA LYS A 52 7.50 3.05 5.50
C LYS A 52 5.97 3.26 5.42
N LEU A 53 5.55 4.32 4.72
CA LEU A 53 4.12 4.61 4.57
C LEU A 53 3.45 3.51 3.72
N GLN A 54 4.22 2.93 2.79
CA GLN A 54 3.70 1.86 1.95
C GLN A 54 3.43 0.66 2.86
N ARG A 55 4.43 0.32 3.66
CA ARG A 55 4.39 -0.79 4.61
C ARG A 55 3.17 -0.73 5.56
N HIS A 56 2.89 0.48 6.07
CA HIS A 56 1.79 0.69 7.01
C HIS A 56 0.45 1.10 6.39
N GLY A 57 0.33 0.88 5.07
CA GLY A 57 -0.90 1.15 4.34
C GLY A 57 -1.31 2.58 4.14
N ILE A 58 -0.42 3.50 4.43
CA ILE A 58 -0.71 4.92 4.29
C ILE A 58 -0.52 5.48 2.88
N LEU A 59 0.48 4.98 2.16
CA LEU A 59 0.77 5.50 0.81
C LEU A 59 -0.30 5.18 -0.26
N ASP A 60 -0.93 4.02 -0.15
CA ASP A 60 -1.97 3.53 -1.07
C ASP A 60 -3.01 4.61 -1.41
N GLY A 61 -3.03 5.06 -2.68
CA GLY A 61 -3.98 6.07 -3.12
C GLY A 61 -3.73 7.50 -2.67
N ALA A 62 -2.62 7.75 -2.02
CA ALA A 62 -2.36 9.10 -1.55
C ALA A 62 -1.89 10.07 -2.62
N THR A 63 -1.92 11.35 -2.27
CA THR A 63 -1.43 12.39 -3.14
C THR A 63 -0.22 12.87 -2.34
N VAL A 64 0.97 12.75 -2.93
CA VAL A 64 2.17 13.20 -2.25
C VAL A 64 2.37 14.65 -2.69
N VAL A 65 2.30 15.56 -1.73
CA VAL A 65 2.48 16.97 -2.04
C VAL A 65 3.89 17.35 -1.59
N TYR A 66 4.73 17.71 -2.54
CA TYR A 66 6.12 18.08 -2.23
C TYR A 66 6.30 19.58 -2.45
N ILE A 67 6.67 20.30 -1.40
CA ILE A 67 6.91 21.74 -1.49
C ILE A 67 8.41 21.98 -1.35
N GLY A 68 8.99 22.67 -2.32
CA GLY A 68 10.42 22.93 -2.31
C GLY A 68 11.13 21.73 -2.93
N SER A 69 10.48 21.16 -3.94
CA SER A 69 10.97 19.97 -4.64
C SER A 69 11.92 20.15 -5.82
N ALA A 70 12.21 21.39 -6.22
CA ALA A 70 13.09 21.59 -7.38
C ALA A 70 14.57 21.50 -7.03
N PRO A 71 15.38 20.95 -7.94
CA PRO A 71 15.00 20.41 -9.25
C PRO A 71 14.22 19.09 -9.20
N GLY A 72 14.39 18.34 -8.12
CA GLY A 72 13.65 17.10 -7.97
C GLY A 72 14.00 15.90 -8.84
N THR A 73 15.20 15.90 -9.40
CA THR A 73 15.64 14.80 -10.27
C THR A 73 15.36 13.43 -9.66
N HIS A 74 15.66 13.27 -8.37
CA HIS A 74 15.49 11.99 -7.69
C HIS A 74 14.02 11.53 -7.59
N ILE A 75 13.09 12.50 -7.59
CA ILE A 75 11.67 12.15 -7.49
C ILE A 75 11.22 11.26 -8.63
N ARG A 76 11.83 11.42 -9.81
CA ARG A 76 11.46 10.59 -10.94
C ARG A 76 11.77 9.12 -10.64
N TYR A 77 12.84 8.87 -9.89
CA TYR A 77 13.17 7.49 -9.55
C TYR A 77 12.10 6.97 -8.58
N LEU A 78 11.75 7.81 -7.61
CA LEU A 78 10.74 7.43 -6.62
C LEU A 78 9.43 7.11 -7.31
N ARG A 79 9.06 7.97 -8.23
CA ARG A 79 7.83 7.83 -9.01
C ARG A 79 7.80 6.53 -9.77
N ASP A 80 8.86 6.21 -10.52
CA ASP A 80 8.90 4.97 -11.27
C ASP A 80 8.90 3.74 -10.35
N HIS A 81 9.64 3.83 -9.25
CA HIS A 81 9.71 2.74 -8.29
C HIS A 81 8.32 2.29 -7.81
N PHE A 82 7.55 3.21 -7.24
CA PHE A 82 6.21 2.88 -6.75
C PHE A 82 5.25 2.55 -7.88
N TYR A 83 5.47 3.18 -9.03
CA TYR A 83 4.63 2.93 -10.16
C TYR A 83 4.77 1.45 -10.54
N ASN A 84 6.00 0.98 -10.57
CA ASN A 84 6.27 -0.43 -10.91
C ASN A 84 5.74 -1.39 -9.87
N LEU A 85 5.59 -0.91 -8.64
CA LEU A 85 5.05 -1.76 -7.57
C LEU A 85 3.53 -1.71 -7.56
N GLY A 86 2.96 -0.97 -8.51
CA GLY A 86 1.52 -0.88 -8.60
C GLY A 86 0.89 -0.07 -7.48
N VAL A 87 1.66 0.81 -6.86
CA VAL A 87 1.12 1.65 -5.80
C VAL A 87 0.48 2.83 -6.51
N ILE A 88 -0.77 3.12 -6.18
CA ILE A 88 -1.47 4.24 -6.82
C ILE A 88 -1.17 5.51 -6.06
N ILE A 89 -0.52 6.44 -6.75
CA ILE A 89 -0.13 7.72 -6.14
C ILE A 89 -0.29 8.85 -7.13
N LYS A 90 -0.57 10.03 -6.60
CA LYS A 90 -0.67 11.25 -7.36
C LYS A 90 0.47 12.11 -6.81
N TRP A 91 1.36 12.60 -7.66
CA TRP A 91 2.47 13.44 -7.20
C TRP A 91 2.19 14.91 -7.52
N MET A 92 2.31 15.80 -6.53
CA MET A 92 2.12 17.22 -6.79
C MET A 92 3.41 17.91 -6.32
N LEU A 93 4.21 18.36 -7.28
CA LEU A 93 5.51 18.99 -6.99
C LEU A 93 5.44 20.51 -7.13
N ILE A 94 5.65 21.19 -6.01
CA ILE A 94 5.54 22.63 -5.95
C ILE A 94 6.81 23.35 -5.54
N ASP A 95 7.26 24.27 -6.38
CA ASP A 95 8.46 25.02 -6.06
C ASP A 95 8.45 26.39 -6.73
N GLY A 96 9.10 27.36 -6.11
CA GLY A 96 9.17 28.68 -6.70
C GLY A 96 10.05 28.65 -7.94
N ARG A 97 10.82 27.58 -8.10
CA ARG A 97 11.70 27.41 -9.24
C ARG A 97 11.28 26.18 -10.02
N HIS A 98 11.83 26.02 -11.23
CA HIS A 98 11.47 24.92 -12.11
C HIS A 98 12.12 23.58 -11.80
N HIS A 99 11.43 22.50 -12.19
CA HIS A 99 11.92 21.14 -11.96
C HIS A 99 12.66 20.58 -13.15
N ASP A 100 13.38 19.49 -12.89
CA ASP A 100 14.13 18.78 -13.91
C ASP A 100 13.10 18.29 -14.95
N PRO A 101 13.39 18.44 -16.25
CA PRO A 101 12.50 18.02 -17.34
C PRO A 101 12.13 16.52 -17.36
N ILE A 102 12.90 15.66 -16.69
CA ILE A 102 12.55 14.24 -16.70
C ILE A 102 11.25 14.01 -15.93
N LEU A 103 10.75 15.06 -15.28
CA LEU A 103 9.50 14.97 -14.54
C LEU A 103 8.31 15.48 -15.39
N ASN A 104 8.59 15.93 -16.61
CA ASN A 104 7.52 16.43 -17.49
C ASN A 104 6.86 15.29 -18.23
N GLY A 105 5.67 15.57 -18.74
CA GLY A 105 4.94 14.56 -19.52
C GLY A 105 4.47 13.32 -18.80
N LEU A 106 4.33 13.39 -17.47
CA LEU A 106 3.86 12.23 -16.71
C LEU A 106 2.47 12.57 -16.17
N ARG A 107 1.47 11.83 -16.63
CA ARG A 107 0.09 12.08 -16.21
C ARG A 107 -0.06 12.11 -14.70
N ASP A 108 0.64 11.22 -14.01
CA ASP A 108 0.52 11.14 -12.57
C ASP A 108 1.36 12.13 -11.74
N VAL A 109 2.04 13.07 -12.39
CA VAL A 109 2.78 14.06 -11.60
C VAL A 109 2.51 15.48 -12.09
N THR A 110 2.04 16.32 -11.17
CA THR A 110 1.71 17.70 -11.50
C THR A 110 2.84 18.59 -11.01
N LEU A 111 3.36 19.40 -11.92
CA LEU A 111 4.44 20.30 -11.62
C LEU A 111 3.90 21.72 -11.47
N VAL A 112 4.17 22.36 -10.33
CA VAL A 112 3.69 23.72 -10.13
C VAL A 112 4.86 24.64 -9.85
N THR A 113 4.99 25.69 -10.65
CA THR A 113 6.04 26.67 -10.44
C THR A 113 5.38 27.85 -9.75
N ARG A 114 5.61 27.97 -8.45
CA ARG A 114 4.98 29.03 -7.71
C ARG A 114 5.45 29.06 -6.26
N PHE A 115 5.53 30.27 -5.71
CA PHE A 115 5.95 30.44 -4.33
C PHE A 115 4.69 30.29 -3.48
N VAL A 116 4.76 29.46 -2.45
CA VAL A 116 3.59 29.21 -1.62
C VAL A 116 3.37 30.11 -0.42
N ASP A 117 2.10 30.42 -0.18
CA ASP A 117 1.68 31.23 0.95
C ASP A 117 0.40 30.56 1.46
N GLU A 118 -0.12 31.04 2.58
CA GLU A 118 -1.32 30.45 3.15
C GLU A 118 -2.50 30.37 2.20
N GLU A 119 -2.73 31.41 1.42
CA GLU A 119 -3.87 31.39 0.51
C GLU A 119 -3.74 30.32 -0.56
N TYR A 120 -2.53 30.13 -1.07
CA TYR A 120 -2.32 29.11 -2.09
C TYR A 120 -2.50 27.73 -1.45
N LEU A 121 -1.99 27.57 -0.23
CA LEU A 121 -2.12 26.30 0.47
C LEU A 121 -3.58 25.94 0.65
N ARG A 122 -4.40 26.89 1.09
CA ARG A 122 -5.82 26.63 1.27
C ARG A 122 -6.48 26.22 -0.04
N SER A 123 -6.02 26.82 -1.13
CA SER A 123 -6.56 26.55 -2.45
C SER A 123 -6.29 25.13 -2.96
N ILE A 124 -5.10 24.60 -2.71
CA ILE A 124 -4.82 23.26 -3.20
C ILE A 124 -5.48 22.22 -2.31
N LYS A 125 -5.63 22.55 -1.04
CA LYS A 125 -6.28 21.65 -0.11
C LYS A 125 -7.73 21.47 -0.56
N LYS A 126 -8.39 22.59 -0.88
CA LYS A 126 -9.78 22.54 -1.31
C LYS A 126 -9.87 21.76 -2.61
N GLN A 127 -8.86 21.91 -3.44
CA GLN A 127 -8.79 21.22 -4.72
C GLN A 127 -8.54 19.73 -4.60
N LEU A 128 -7.69 19.34 -3.65
CA LEU A 128 -7.32 17.95 -3.43
C LEU A 128 -8.30 17.14 -2.59
N HIS A 129 -8.96 17.81 -1.65
CA HIS A 129 -9.94 17.17 -0.77
C HIS A 129 -10.90 16.32 -1.59
N PRO A 130 -11.26 15.13 -1.13
CA PRO A 130 -10.89 14.43 0.11
C PRO A 130 -9.69 13.50 -0.04
N SER A 131 -8.82 13.79 -1.00
CA SER A 131 -7.63 12.94 -1.15
C SER A 131 -6.81 12.94 0.12
N LYS A 132 -6.27 11.78 0.45
CA LYS A 132 -5.39 11.61 1.60
C LYS A 132 -4.09 12.31 1.16
N ILE A 133 -3.55 13.20 1.98
CA ILE A 133 -2.33 13.93 1.62
C ILE A 133 -1.07 13.58 2.40
N ILE A 134 0.03 13.34 1.69
CA ILE A 134 1.31 13.07 2.35
C ILE A 134 2.16 14.28 1.97
N LEU A 135 2.68 14.98 2.97
CA LEU A 135 3.48 16.18 2.73
C LEU A 135 4.98 15.97 2.92
N ILE A 136 5.76 16.40 1.94
CA ILE A 136 7.21 16.33 2.05
C ILE A 136 7.67 17.77 1.79
N SER A 137 8.36 18.35 2.76
CA SER A 137 8.83 19.71 2.62
C SER A 137 10.34 19.83 2.75
N ASP A 138 10.95 20.49 1.78
CA ASP A 138 12.41 20.70 1.80
C ASP A 138 12.68 22.16 1.44
N VAL A 139 11.83 23.05 1.95
CA VAL A 139 12.00 24.48 1.67
C VAL A 139 13.26 25.03 2.32
N ALA A 140 13.88 25.99 1.65
CA ALA A 140 15.10 26.62 2.15
C ALA A 140 15.15 28.06 1.69
N SER A 141 15.95 28.87 2.37
CA SER A 141 16.09 30.28 2.02
C SER A 141 17.42 30.53 1.35
N GLY A 145 23.59 32.65 -0.55
CA GLY A 145 22.83 32.32 0.63
C GLY A 145 23.72 31.71 1.71
N ASN A 146 24.04 30.43 1.52
CA ASN A 146 24.90 29.68 2.45
C ASN A 146 24.57 29.76 3.93
N GLU A 147 24.03 28.67 4.47
CA GLU A 147 23.69 28.62 5.88
C GLU A 147 22.71 29.74 6.24
N PRO A 148 21.41 29.48 6.11
CA PRO A 148 20.39 30.50 6.42
C PRO A 148 20.58 30.98 7.86
N SER A 149 19.99 32.12 8.19
CA SER A 149 20.09 32.66 9.52
C SER A 149 19.01 31.98 10.35
N THR A 150 19.15 32.04 11.67
CA THR A 150 18.18 31.45 12.57
C THR A 150 16.80 32.03 12.28
N ALA A 151 16.75 33.34 12.04
CA ALA A 151 15.49 34.02 11.75
C ALA A 151 14.87 33.42 10.49
N ASP A 152 15.70 33.05 9.52
CA ASP A 152 15.16 32.47 8.29
C ASP A 152 14.67 31.04 8.56
N LEU A 153 15.40 30.30 9.40
CA LEU A 153 14.99 28.94 9.72
C LEU A 153 13.67 28.98 10.48
N LEU A 154 13.56 29.90 11.44
CA LEU A 154 12.33 30.04 12.22
C LEU A 154 11.17 30.33 11.31
N SER A 155 11.41 31.18 10.31
CA SER A 155 10.38 31.53 9.35
C SER A 155 10.01 30.28 8.53
N ASN A 156 11.00 29.49 8.15
CA ASN A 156 10.74 28.26 7.38
C ASN A 156 9.89 27.27 8.19
N TYR A 157 10.20 27.12 9.48
CA TYR A 157 9.47 26.18 10.31
C TYR A 157 8.04 26.64 10.62
N ALA A 158 7.86 27.96 10.68
CA ALA A 158 6.52 28.51 10.90
C ALA A 158 5.69 28.16 9.67
N LEU A 159 6.33 28.19 8.51
CA LEU A 159 5.65 27.86 7.27
C LEU A 159 5.26 26.38 7.23
N GLN A 160 6.19 25.51 7.60
CA GLN A 160 5.92 24.08 7.60
C GLN A 160 4.73 23.80 8.54
N ASN A 161 4.65 24.52 9.66
CA ASN A 161 3.53 24.31 10.60
C ASN A 161 2.23 24.73 9.95
N VAL A 162 2.26 25.85 9.24
CA VAL A 162 1.08 26.35 8.54
C VAL A 162 0.69 25.34 7.45
N MET A 163 1.67 24.77 6.78
CA MET A 163 1.45 23.77 5.73
C MET A 163 0.62 22.63 6.31
N ILE A 164 1.07 22.12 7.45
CA ILE A 164 0.43 21.01 8.12
C ILE A 164 -0.98 21.33 8.62
N SER A 165 -1.16 22.50 9.23
CA SER A 165 -2.47 22.89 9.76
C SER A 165 -3.48 23.03 8.63
N ILE A 166 -3.05 23.55 7.49
CA ILE A 166 -3.94 23.71 6.34
C ILE A 166 -4.16 22.43 5.53
N LEU A 167 -3.09 21.71 5.23
CA LEU A 167 -3.21 20.49 4.44
C LEU A 167 -3.74 19.26 5.20
N ASN A 168 -3.62 19.27 6.52
CA ASN A 168 -4.06 18.13 7.33
C ASN A 168 -3.56 16.81 6.77
N PRO A 169 -2.26 16.70 6.48
CA PRO A 169 -1.74 15.44 5.92
C PRO A 169 -1.81 14.28 6.88
N VAL A 170 -1.90 13.07 6.34
CA VAL A 170 -1.91 11.89 7.18
C VAL A 170 -0.48 11.60 7.64
N ALA A 171 0.51 12.18 6.94
CA ALA A 171 1.91 11.98 7.33
C ALA A 171 2.79 13.03 6.66
N SER A 172 3.95 13.33 7.26
CA SER A 172 4.83 14.32 6.68
C SER A 172 6.32 14.05 6.91
N SER A 173 7.15 14.56 6.01
CA SER A 173 8.58 14.45 6.16
C SER A 173 9.00 15.90 6.03
N LEU A 174 9.52 16.47 7.11
CA LEU A 174 9.94 17.86 7.12
C LEU A 174 11.44 18.06 7.31
N LYS A 175 12.01 18.98 6.54
CA LYS A 175 13.43 19.32 6.63
C LYS A 175 13.60 19.88 8.04
N TRP A 176 14.53 19.34 8.80
CA TRP A 176 14.72 19.77 10.18
C TRP A 176 16.19 19.91 10.58
N ARG A 177 16.58 21.16 10.84
CA ARG A 177 17.94 21.46 11.28
C ARG A 177 17.77 22.52 12.36
N CYS A 178 18.05 22.15 13.59
CA CYS A 178 17.90 23.08 14.70
C CYS A 178 18.89 24.25 14.64
N PRO A 179 18.42 25.47 14.90
CA PRO A 179 19.29 26.65 14.88
C PRO A 179 20.46 26.38 15.81
N PHE A 180 21.65 26.88 15.47
CA PHE A 180 22.81 26.67 16.32
C PHE A 180 22.63 27.42 17.65
N PRO A 181 23.06 26.83 18.76
CA PRO A 181 22.97 27.37 20.12
C PRO A 181 23.48 28.81 20.23
N ASP A 182 24.65 29.04 19.62
CA ASP A 182 25.29 30.34 19.62
C ASP A 182 24.53 31.39 18.81
N GLN A 183 23.56 30.96 18.03
CA GLN A 183 22.79 31.91 17.22
C GLN A 183 21.29 31.82 17.55
N TRP A 184 21.02 31.46 18.80
CA TRP A 184 19.64 31.31 19.26
C TRP A 184 18.88 32.63 19.31
N ILE A 185 17.61 32.59 18.96
CA ILE A 185 16.77 33.79 19.01
C ILE A 185 15.69 33.56 20.07
N LYS A 186 14.84 32.57 19.84
CA LYS A 186 13.78 32.26 20.79
C LYS A 186 13.28 30.83 20.56
N ASP A 187 12.56 30.30 21.54
CA ASP A 187 12.04 28.95 21.43
C ASP A 187 10.94 28.92 20.37
N PHE A 188 10.72 27.76 19.78
CA PHE A 188 9.67 27.60 18.78
C PHE A 188 9.14 26.17 18.81
N TYR A 189 8.10 25.90 18.03
CA TYR A 189 7.48 24.58 18.03
C TYR A 189 7.47 23.88 16.69
N ILE A 190 7.57 22.56 16.72
CA ILE A 190 7.49 21.75 15.50
C ILE A 190 6.65 20.54 15.84
N PRO A 191 6.12 19.86 14.81
CA PRO A 191 5.29 18.68 15.06
C PRO A 191 6.06 17.55 15.73
N HIS A 192 5.33 16.72 16.45
CA HIS A 192 5.92 15.58 17.09
C HIS A 192 6.27 14.62 15.94
N GLY A 193 7.43 13.98 16.02
CA GLY A 193 7.80 13.07 14.96
C GLY A 193 9.13 12.45 15.34
N ASN A 194 9.58 11.49 14.54
CA ASN A 194 10.87 10.85 14.78
C ASN A 194 11.87 11.59 13.89
N LYS A 195 13.09 11.76 14.37
CA LYS A 195 14.10 12.49 13.61
C LYS A 195 15.05 11.55 12.87
N MET A 196 14.72 11.31 11.62
CA MET A 196 15.49 10.42 10.76
C MET A 196 16.84 11.00 10.31
N LEU A 197 17.90 10.24 10.55
CA LEU A 197 19.26 10.66 10.17
C LEU A 197 19.44 10.40 8.68
N GLN A 198 20.25 11.22 8.03
CA GLN A 198 20.44 11.09 6.59
C GLN A 198 21.81 10.66 6.08
N PRO A 199 21.88 9.47 5.47
CA PRO A 199 23.21 9.08 4.98
C PRO A 199 23.55 9.93 3.74
N PHE A 200 24.84 10.19 3.58
CA PHE A 200 25.34 10.99 2.46
C PHE A 200 24.94 12.45 2.59
N ALA A 201 24.59 12.86 3.80
CA ALA A 201 24.28 14.25 4.05
C ALA A 201 25.67 14.89 4.04
N PRO A 202 25.75 16.23 3.96
CA PRO A 202 27.09 16.84 3.96
C PRO A 202 27.90 16.44 5.20
N SER A 203 29.21 16.48 5.07
CA SER A 203 30.15 16.11 6.13
C SER A 203 29.79 16.53 7.56
N TYR A 204 29.48 17.79 7.76
CA TYR A 204 29.14 18.25 9.10
C TYR A 204 27.72 18.80 9.22
N SER A 205 26.84 18.30 8.38
CA SER A 205 25.43 18.73 8.41
C SER A 205 24.76 18.20 9.67
N ALA A 206 23.94 19.03 10.30
CA ALA A 206 23.20 18.64 11.49
C ALA A 206 21.73 18.49 11.09
N GLU A 207 21.51 18.43 9.79
CA GLU A 207 20.17 18.32 9.25
C GLU A 207 19.61 16.91 9.33
N MET A 208 18.32 16.82 9.63
CA MET A 208 17.64 15.54 9.66
C MET A 208 16.26 15.70 9.05
N ARG A 209 15.50 14.60 9.03
CA ARG A 209 14.16 14.58 8.46
C ARG A 209 13.18 14.27 9.58
N LEU A 210 12.27 15.19 9.87
CA LEU A 210 11.27 14.99 10.92
C LEU A 210 10.13 14.22 10.29
N LEU A 211 9.98 12.96 10.70
CA LEU A 211 8.92 12.10 10.15
C LEU A 211 7.76 12.01 11.10
N SER A 212 6.57 12.37 10.63
CA SER A 212 5.37 12.33 11.47
C SER A 212 4.21 11.57 10.82
N ILE A 213 3.46 10.86 11.65
CA ILE A 213 2.26 10.14 11.22
C ILE A 213 1.20 10.68 12.18
N TYR A 214 0.32 11.52 11.65
CA TYR A 214 -0.71 12.18 12.44
C TYR A 214 -1.91 11.37 12.92
N THR A 215 -2.28 11.58 14.18
CA THR A 215 -3.44 10.90 14.78
C THR A 215 -4.40 11.97 15.26
N GLY A 216 -5.70 11.68 15.17
CA GLY A 216 -6.67 12.69 15.58
C GLY A 216 -6.34 13.86 14.67
N GLU A 217 -6.91 15.03 14.94
CA GLU A 217 -6.61 16.18 14.10
C GLU A 217 -5.65 17.04 14.94
N ASN A 218 -4.55 16.44 15.38
CA ASN A 218 -3.59 17.11 16.24
C ASN A 218 -2.14 17.01 15.74
N MET A 219 -1.51 18.17 15.57
CA MET A 219 -0.11 18.22 15.10
C MET A 219 0.82 17.84 16.26
N ARG A 220 0.31 17.91 17.47
CA ARG A 220 1.12 17.58 18.64
C ARG A 220 2.40 18.42 18.64
N LEU A 221 2.25 19.73 18.52
CA LEU A 221 3.41 20.62 18.50
C LEU A 221 4.24 20.48 19.77
N THR A 222 5.55 20.39 19.63
CA THR A 222 6.43 20.29 20.79
C THR A 222 7.48 21.39 20.75
N ARG A 223 7.85 21.87 21.92
CA ARG A 223 8.78 22.99 22.05
C ARG A 223 10.26 22.65 21.84
N VAL A 224 10.96 23.52 21.12
CA VAL A 224 12.40 23.35 20.91
C VAL A 224 13.06 24.48 21.70
N THR A 225 13.92 24.12 22.64
CA THR A 225 14.60 25.10 23.48
C THR A 225 16.07 25.23 23.10
N LYS A 226 16.73 26.23 23.68
CA LYS A 226 18.14 26.46 23.40
C LYS A 226 18.92 25.27 23.97
N SER A 227 18.38 24.69 25.04
CA SER A 227 19.00 23.54 25.66
C SER A 227 18.98 22.40 24.65
N ASP A 228 17.88 22.27 23.92
CA ASP A 228 17.74 21.25 22.89
C ASP A 228 18.75 21.54 21.78
N ALA A 229 18.90 22.83 21.44
CA ALA A 229 19.82 23.23 20.40
C ALA A 229 21.25 22.76 20.72
N VAL A 230 21.62 22.84 21.99
CA VAL A 230 22.94 22.42 22.43
C VAL A 230 23.14 20.93 22.19
N ASN A 231 22.15 20.16 22.61
CA ASN A 231 22.14 18.71 22.49
C ASN A 231 22.22 18.29 21.01
N TYR A 232 21.41 18.93 20.17
CA TYR A 232 21.42 18.62 18.74
C TYR A 232 22.81 18.85 18.15
N GLU A 233 23.45 19.94 18.53
CA GLU A 233 24.77 20.27 18.00
C GLU A 233 25.85 19.29 18.43
N LYS A 234 25.86 18.92 19.71
CA LYS A 234 26.87 17.99 20.22
C LYS A 234 26.64 16.58 19.73
N LYS A 235 25.38 16.16 19.65
CA LYS A 235 25.04 14.83 19.18
C LYS A 235 25.42 14.68 17.70
N MET A 236 24.97 15.64 16.88
CA MET A 236 25.28 15.57 15.47
C MET A 236 26.77 15.72 15.18
N TYR A 237 27.48 16.46 16.00
CA TYR A 237 28.93 16.62 15.78
C TYR A 237 29.61 15.29 16.07
N TYR A 238 29.17 14.62 17.13
CA TYR A 238 29.73 13.33 17.48
C TYR A 238 29.52 12.38 16.30
N LEU A 239 28.30 12.36 15.78
CA LEU A 239 27.94 11.51 14.64
C LEU A 239 28.81 11.81 13.43
N ASN A 240 28.89 13.08 13.06
CA ASN A 240 29.64 13.50 11.89
C ASN A 240 31.16 13.38 12.00
N LYS A 241 31.69 13.77 13.14
CA LYS A 241 33.12 13.75 13.39
C LYS A 241 33.66 12.36 13.65
N ILE A 242 32.96 11.63 14.52
CA ILE A 242 33.38 10.29 14.90
C ILE A 242 32.77 9.13 14.15
N VAL A 243 31.46 8.95 14.31
CA VAL A 243 30.76 7.83 13.69
C VAL A 243 30.83 7.67 12.17
N ARG A 244 30.46 8.71 11.42
CA ARG A 244 30.44 8.62 9.97
C ARG A 244 31.81 8.44 9.31
N ASN A 245 32.89 8.64 10.08
CA ASN A 245 34.24 8.48 9.54
C ASN A 245 34.79 7.10 9.89
N LYS A 246 33.90 6.15 10.18
CA LYS A 246 34.31 4.80 10.52
C LYS A 246 34.02 3.78 9.43
N VAL A 247 34.83 2.72 9.42
CA VAL A 247 34.66 1.62 8.49
C VAL A 247 33.99 0.57 9.38
N VAL A 248 32.85 0.02 8.95
CA VAL A 248 32.15 -0.97 9.78
C VAL A 248 32.68 -2.34 9.39
N VAL A 249 33.64 -2.84 10.16
CA VAL A 249 34.27 -4.11 9.85
C VAL A 249 33.41 -5.35 9.81
N ASN A 250 32.30 -5.36 10.56
CA ASN A 250 31.42 -6.52 10.56
C ASN A 250 30.28 -6.44 9.55
N PHE A 251 30.38 -5.44 8.66
CA PHE A 251 29.41 -5.20 7.61
C PHE A 251 30.01 -5.77 6.32
N ASP A 252 29.54 -6.95 5.93
CA ASP A 252 30.03 -7.64 4.73
C ASP A 252 29.40 -7.07 3.47
N TYR A 253 30.00 -6.01 2.94
CA TYR A 253 29.46 -5.33 1.77
C TYR A 253 30.61 -4.74 0.95
N PRO A 254 30.41 -4.53 -0.36
CA PRO A 254 31.47 -3.97 -1.20
C PRO A 254 32.11 -2.69 -0.66
N ASN A 255 31.33 -1.86 0.01
CA ASN A 255 31.86 -0.63 0.62
C ASN A 255 31.47 -0.71 2.09
N GLN A 256 32.46 -0.60 2.97
CA GLN A 256 32.19 -0.70 4.39
C GLN A 256 32.07 0.62 5.17
N GLU A 257 32.23 1.75 4.50
CA GLU A 257 32.10 3.04 5.19
C GLU A 257 30.72 3.11 5.84
N TYR A 258 30.64 3.78 6.98
CA TYR A 258 29.41 3.93 7.75
C TYR A 258 28.20 4.37 6.94
N ASP A 259 28.37 5.34 6.06
CA ASP A 259 27.24 5.81 5.26
C ASP A 259 26.62 4.71 4.41
N TYR A 260 27.42 3.75 3.96
CA TYR A 260 26.91 2.65 3.16
C TYR A 260 26.20 1.65 4.05
N PHE A 261 26.68 1.52 5.28
CA PHE A 261 26.10 0.64 6.29
C PHE A 261 24.72 1.23 6.61
N HIS A 262 24.68 2.55 6.81
CA HIS A 262 23.44 3.27 7.10
C HIS A 262 22.47 3.15 5.90
N MET A 263 22.99 3.33 4.70
CA MET A 263 22.16 3.21 3.49
C MET A 263 21.54 1.83 3.40
N TYR A 264 22.33 0.82 3.74
CA TYR A 264 21.88 -0.57 3.71
C TYR A 264 20.66 -0.80 4.59
N PHE A 265 20.66 -0.23 5.79
CA PHE A 265 19.52 -0.43 6.69
C PHE A 265 18.26 0.28 6.21
N MET A 266 18.43 1.28 5.35
CA MET A 266 17.27 1.97 4.78
C MET A 266 16.73 1.14 3.61
N LEU A 267 17.63 0.78 2.69
CA LEU A 267 17.22 0.03 1.50
C LEU A 267 16.66 -1.37 1.77
N ARG A 268 17.06 -1.97 2.88
CA ARG A 268 16.57 -3.30 3.23
C ARG A 268 15.07 -3.23 3.56
N THR A 269 14.56 -2.04 3.83
CA THR A 269 13.14 -1.88 4.15
C THR A 269 12.32 -1.57 2.90
N VAL A 270 13.00 -1.42 1.77
CA VAL A 270 12.32 -1.08 0.51
C VAL A 270 11.76 -2.31 -0.20
N TYR A 271 10.54 -2.20 -0.73
CA TYR A 271 9.91 -3.32 -1.44
C TYR A 271 10.29 -3.38 -2.92
N CYS A 272 10.38 -4.60 -3.44
CA CYS A 272 10.72 -4.80 -4.85
C CYS A 272 10.01 -6.08 -5.29
N ASN A 273 9.37 -6.06 -6.47
CA ASN A 273 8.69 -7.27 -6.88
C ASN A 273 9.65 -8.32 -7.47
N LYS A 274 10.86 -7.90 -7.81
CA LYS A 274 11.84 -8.86 -8.29
C LYS A 274 12.24 -9.66 -7.05
N THR A 275 12.49 -10.96 -7.22
CA THR A 275 12.88 -11.82 -6.12
C THR A 275 14.39 -12.01 -6.04
N PHE A 276 14.94 -11.93 -4.84
CA PHE A 276 16.38 -12.08 -4.61
C PHE A 276 16.64 -13.21 -3.60
N PRO A 277 17.87 -13.76 -3.61
CA PRO A 277 18.31 -14.85 -2.73
C PRO A 277 18.45 -14.40 -1.27
N THR A 278 19.04 -13.22 -1.09
CA THR A 278 19.28 -12.66 0.24
C THR A 278 18.93 -11.18 0.25
N THR A 279 18.99 -10.59 1.43
CA THR A 279 18.71 -9.17 1.59
C THR A 279 19.86 -8.41 0.97
N LYS A 280 21.07 -8.95 1.11
CA LYS A 280 22.26 -8.31 0.55
C LYS A 280 22.12 -8.13 -0.96
N ALA A 281 21.70 -9.20 -1.62
CA ALA A 281 21.52 -9.18 -3.06
C ALA A 281 20.50 -8.11 -3.44
N LYS A 282 19.43 -7.98 -2.63
CA LYS A 282 18.39 -6.99 -2.92
C LYS A 282 18.94 -5.57 -2.76
N VAL A 283 19.63 -5.32 -1.65
CA VAL A 283 20.20 -3.99 -1.39
C VAL A 283 21.24 -3.64 -2.45
N LEU A 284 22.09 -4.60 -2.80
CA LEU A 284 23.12 -4.37 -3.83
C LEU A 284 22.46 -3.96 -5.14
N PHE A 285 21.38 -4.65 -5.49
CA PHE A 285 20.65 -4.34 -6.71
C PHE A 285 20.07 -2.93 -6.62
N LEU A 286 19.42 -2.64 -5.50
CA LEU A 286 18.81 -1.33 -5.31
C LEU A 286 19.86 -0.22 -5.35
N GLN A 287 20.96 -0.39 -4.63
CA GLN A 287 22.01 0.60 -4.63
C GLN A 287 22.52 0.86 -6.04
N GLN A 288 22.77 -0.23 -6.78
CA GLN A 288 23.25 -0.15 -8.15
C GLN A 288 22.26 0.66 -9.01
N SER A 289 20.99 0.30 -8.90
CA SER A 289 19.91 0.96 -9.63
C SER A 289 19.88 2.47 -9.33
N ILE A 290 20.01 2.82 -8.06
CA ILE A 290 19.99 4.21 -7.65
C ILE A 290 21.20 4.99 -8.14
N PHE A 291 22.40 4.42 -7.97
CA PHE A 291 23.62 5.10 -8.41
C PHE A 291 23.62 5.29 -9.91
N ARG A 292 23.17 4.27 -10.62
CA ARG A 292 23.08 4.31 -12.08
C ARG A 292 22.12 5.45 -12.48
N PHE A 293 20.96 5.51 -11.82
CA PHE A 293 20.00 6.56 -12.15
C PHE A 293 20.57 7.96 -11.93
N LEU A 294 21.25 8.17 -10.81
CA LEU A 294 21.83 9.47 -10.50
C LEU A 294 23.19 9.73 -11.14
N ASN A 295 23.69 8.77 -11.91
CA ASN A 295 24.98 8.90 -12.56
C ASN A 295 26.15 8.96 -11.59
N ILE A 296 26.12 8.09 -10.59
CA ILE A 296 27.19 8.03 -9.61
C ILE A 296 27.89 6.71 -9.91
N PRO A 297 29.21 6.73 -10.12
CA PRO A 297 29.97 5.51 -10.41
C PRO A 297 29.88 4.44 -9.32
N ASN B 12 12.84 16.17 -35.03
CA ASN B 12 13.33 15.09 -35.94
C ASN B 12 12.33 13.94 -35.97
N ILE B 13 12.81 12.76 -35.56
CA ILE B 13 11.97 11.58 -35.53
C ILE B 13 10.87 11.70 -34.46
N THR B 14 11.20 12.28 -33.32
CA THR B 14 10.23 12.45 -32.26
C THR B 14 9.04 13.25 -32.78
N LEU B 15 9.33 14.26 -33.59
CA LEU B 15 8.27 15.09 -34.14
C LEU B 15 7.40 14.23 -35.04
N LYS B 16 8.03 13.41 -35.87
CA LYS B 16 7.28 12.54 -36.77
C LYS B 16 6.38 11.60 -35.97
N ILE B 17 6.94 11.07 -34.89
CA ILE B 17 6.23 10.17 -34.00
C ILE B 17 4.92 10.78 -33.54
N ILE B 18 5.04 11.95 -32.93
CA ILE B 18 3.89 12.69 -32.41
C ILE B 18 2.92 13.12 -33.50
N GLU B 19 3.44 13.62 -34.61
CA GLU B 19 2.58 14.06 -35.70
C GLU B 19 1.78 12.89 -36.24
N THR B 20 2.44 11.75 -36.43
CA THR B 20 1.77 10.56 -36.93
C THR B 20 0.71 10.08 -35.92
N TYR B 21 1.05 10.14 -34.64
CA TYR B 21 0.13 9.72 -33.59
C TYR B 21 -1.11 10.61 -33.55
N LEU B 22 -0.89 11.92 -33.52
CA LEU B 22 -1.97 12.88 -33.42
C LEU B 22 -2.72 13.09 -34.74
N GLY B 23 -2.15 12.60 -35.84
CA GLY B 23 -2.76 12.77 -37.14
C GLY B 23 -2.84 14.24 -37.50
N ARG B 24 -1.91 15.02 -36.96
CA ARG B 24 -1.84 16.46 -37.20
C ARG B 24 -0.47 16.98 -36.78
N VAL B 25 -0.14 18.20 -37.22
CA VAL B 25 1.12 18.80 -36.86
C VAL B 25 1.05 19.20 -35.40
N PRO B 26 1.92 18.62 -34.56
CA PRO B 26 1.98 18.88 -33.12
C PRO B 26 2.21 20.35 -32.81
N SER B 27 1.23 20.99 -32.16
CA SER B 27 1.38 22.39 -31.81
C SER B 27 2.56 22.50 -30.85
N VAL B 28 3.03 23.72 -30.61
CA VAL B 28 4.16 23.93 -29.72
C VAL B 28 3.84 23.26 -28.38
N ASN B 29 2.69 23.63 -27.81
CA ASN B 29 2.24 23.09 -26.54
C ASN B 29 2.26 21.56 -26.52
N GLU B 30 1.67 20.97 -27.55
CA GLU B 30 1.59 19.51 -27.64
C GLU B 30 2.94 18.81 -27.77
N TYR B 31 3.80 19.30 -28.65
CA TYR B 31 5.11 18.67 -28.82
C TYR B 31 5.91 18.63 -27.53
N HIS B 32 5.89 19.72 -26.78
CA HIS B 32 6.61 19.82 -25.53
C HIS B 32 6.06 18.82 -24.50
N MET B 33 4.74 18.80 -24.38
CA MET B 33 4.07 17.91 -23.43
C MET B 33 4.17 16.43 -23.76
N LEU B 34 4.02 16.07 -25.04
CA LEU B 34 4.06 14.67 -25.44
C LEU B 34 5.47 14.19 -25.79
N LYS B 35 6.40 15.12 -25.95
CA LYS B 35 7.77 14.82 -26.29
C LYS B 35 8.32 13.57 -25.59
N SER B 36 8.14 13.51 -24.27
CA SER B 36 8.63 12.39 -23.46
C SER B 36 7.98 11.05 -23.79
N GLN B 37 6.67 11.04 -24.00
CA GLN B 37 5.95 9.80 -24.30
C GLN B 37 6.29 9.25 -25.69
N ALA B 38 7.16 9.94 -26.41
CA ALA B 38 7.56 9.54 -27.76
C ALA B 38 7.73 8.04 -27.96
N ARG B 39 8.46 7.40 -27.05
CA ARG B 39 8.71 5.97 -27.14
C ARG B 39 7.44 5.13 -26.99
N ASN B 40 6.61 5.45 -26.00
CA ASN B 40 5.36 4.73 -25.78
C ASN B 40 4.41 4.95 -26.95
N ILE B 41 4.39 6.18 -27.44
CA ILE B 41 3.52 6.53 -28.56
C ILE B 41 3.87 5.67 -29.79
N GLN B 42 5.16 5.56 -30.08
CA GLN B 42 5.62 4.76 -31.21
C GLN B 42 5.17 3.30 -31.08
N LYS B 43 5.20 2.77 -29.85
CA LYS B 43 4.76 1.40 -29.59
C LYS B 43 3.30 1.23 -29.98
N ILE B 44 2.48 2.22 -29.63
CA ILE B 44 1.05 2.18 -29.93
C ILE B 44 0.81 2.20 -31.43
N THR B 45 1.49 3.12 -32.12
CA THR B 45 1.36 3.25 -33.56
C THR B 45 1.68 1.98 -34.33
N VAL B 46 2.80 1.34 -33.98
CA VAL B 46 3.22 0.11 -34.66
C VAL B 46 2.32 -1.09 -34.38
N PHE B 47 1.69 -1.11 -33.21
CA PHE B 47 0.80 -2.19 -32.82
C PHE B 47 -0.21 -2.45 -33.94
N ASN B 48 -0.36 -3.71 -34.32
CA ASN B 48 -1.29 -4.11 -35.39
C ASN B 48 -2.73 -4.20 -34.86
N LYS B 49 -3.54 -3.18 -35.15
CA LYS B 49 -4.93 -3.13 -34.71
C LYS B 49 -5.83 -4.23 -35.27
N ASP B 50 -5.55 -4.69 -36.48
CA ASP B 50 -6.37 -5.73 -37.08
C ASP B 50 -6.25 -7.02 -36.31
N ILE B 51 -5.04 -7.37 -35.90
CA ILE B 51 -4.84 -8.57 -35.12
C ILE B 51 -5.64 -8.44 -33.82
N PHE B 52 -5.59 -7.25 -33.23
CA PHE B 52 -6.31 -6.98 -31.98
C PHE B 52 -7.82 -7.13 -32.15
N VAL B 53 -8.36 -6.55 -33.23
CA VAL B 53 -9.80 -6.65 -33.50
C VAL B 53 -10.16 -8.14 -33.56
N SER B 54 -9.29 -8.92 -34.17
CA SER B 54 -9.48 -10.35 -34.31
C SER B 54 -9.48 -11.06 -32.97
N LEU B 55 -8.52 -10.71 -32.11
CA LEU B 55 -8.42 -11.32 -30.78
C LEU B 55 -9.66 -11.04 -29.95
N VAL B 56 -10.13 -9.80 -29.96
CA VAL B 56 -11.33 -9.45 -29.19
C VAL B 56 -12.54 -10.26 -29.68
N LYS B 57 -12.73 -10.32 -31.00
CA LYS B 57 -13.85 -11.09 -31.56
C LYS B 57 -13.72 -12.55 -31.12
N LYS B 58 -12.52 -13.09 -31.24
CA LYS B 58 -12.29 -14.47 -30.84
C LYS B 58 -12.67 -14.64 -29.37
N ASN B 59 -12.36 -13.64 -28.57
CA ASN B 59 -12.69 -13.71 -27.14
C ASN B 59 -14.21 -13.63 -26.96
N LYS B 60 -14.88 -12.83 -27.77
CA LYS B 60 -16.33 -12.70 -27.66
C LYS B 60 -17.09 -13.99 -27.97
N LYS B 61 -16.59 -14.75 -28.94
CA LYS B 61 -17.27 -15.99 -29.29
C LYS B 61 -17.10 -17.01 -28.18
N ARG B 62 -16.00 -16.92 -27.44
CA ARG B 62 -15.75 -17.85 -26.35
C ARG B 62 -16.46 -17.52 -25.06
N PHE B 63 -16.38 -16.26 -24.63
CA PHE B 63 -16.99 -15.86 -23.36
C PHE B 63 -18.21 -14.93 -23.41
N PHE B 64 -18.47 -14.30 -24.54
CA PHE B 64 -19.62 -13.40 -24.61
C PHE B 64 -20.48 -13.66 -25.83
N SER B 65 -20.61 -14.94 -26.20
CA SER B 65 -21.40 -15.34 -27.35
C SER B 65 -22.82 -14.80 -27.32
N ASP B 66 -23.42 -14.75 -26.13
CA ASP B 66 -24.79 -14.27 -25.99
C ASP B 66 -24.94 -12.75 -26.09
N VAL B 67 -23.84 -12.04 -26.26
CA VAL B 67 -23.90 -10.58 -26.39
C VAL B 67 -24.22 -10.27 -27.85
N ASN B 68 -25.36 -9.61 -28.08
CA ASN B 68 -25.78 -9.30 -29.45
C ASN B 68 -25.23 -8.01 -30.04
N THR B 69 -24.05 -8.10 -30.62
CA THR B 69 -23.41 -6.98 -31.29
C THR B 69 -22.61 -7.58 -32.44
N SER B 70 -22.59 -6.90 -33.56
CA SER B 70 -21.89 -7.37 -34.75
C SER B 70 -20.38 -7.17 -34.75
N ALA B 71 -19.71 -7.90 -35.64
CA ALA B 71 -18.26 -7.80 -35.77
C ALA B 71 -17.94 -6.38 -36.23
N SER B 72 -18.86 -5.81 -37.01
CA SER B 72 -18.69 -4.45 -37.51
C SER B 72 -18.67 -3.43 -36.36
N GLU B 73 -19.57 -3.62 -35.40
CA GLU B 73 -19.67 -2.73 -34.25
C GLU B 73 -18.41 -2.80 -33.39
N ILE B 74 -17.92 -4.03 -33.19
CA ILE B 74 -16.71 -4.25 -32.40
C ILE B 74 -15.51 -3.60 -33.06
N LYS B 75 -15.31 -3.90 -34.34
CA LYS B 75 -14.21 -3.35 -35.08
C LYS B 75 -14.21 -1.82 -35.00
N ASP B 76 -15.39 -1.21 -35.18
CA ASP B 76 -15.50 0.25 -35.14
C ASP B 76 -15.14 0.84 -33.77
N ARG B 77 -15.59 0.21 -32.70
CA ARG B 77 -15.29 0.70 -31.36
C ARG B 77 -13.78 0.68 -31.12
N ILE B 78 -13.13 -0.40 -31.52
CA ILE B 78 -11.70 -0.57 -31.34
C ILE B 78 -10.90 0.44 -32.16
N LEU B 79 -11.17 0.48 -33.46
CA LEU B 79 -10.45 1.41 -34.33
C LEU B 79 -10.74 2.85 -33.96
N SER B 80 -11.95 3.11 -33.47
CA SER B 80 -12.28 4.46 -33.05
C SER B 80 -11.39 4.87 -31.86
N TYR B 81 -11.20 3.95 -30.93
CA TYR B 81 -10.39 4.24 -29.75
C TYR B 81 -8.93 4.41 -30.09
N PHE B 82 -8.41 3.57 -30.99
CA PHE B 82 -7.00 3.68 -31.34
C PHE B 82 -6.66 4.90 -32.20
N SER B 83 -7.65 5.77 -32.42
CA SER B 83 -7.45 6.99 -33.19
C SER B 83 -8.09 8.17 -32.47
N LYS B 84 -8.59 7.92 -31.26
CA LYS B 84 -9.26 8.95 -30.48
C LYS B 84 -8.37 10.18 -30.27
N GLN B 85 -7.06 9.94 -30.19
CA GLN B 85 -6.09 11.01 -29.99
C GLN B 85 -6.16 12.03 -31.14
N THR B 86 -6.46 11.56 -32.35
CA THR B 86 -6.53 12.45 -33.51
C THR B 86 -7.60 13.51 -33.38
N GLN B 87 -8.55 13.31 -32.45
CA GLN B 87 -9.62 14.28 -32.24
C GLN B 87 -9.63 14.83 -30.83
N THR B 88 -8.52 14.66 -30.11
CA THR B 88 -8.45 15.14 -28.74
C THR B 88 -7.38 16.23 -28.67
N TYR B 89 -7.73 17.37 -28.09
CA TYR B 89 -6.79 18.46 -28.00
C TYR B 89 -6.38 18.77 -26.56
N ASN B 90 -7.21 18.36 -25.60
CA ASN B 90 -6.92 18.57 -24.19
C ASN B 90 -5.72 17.69 -23.86
N ILE B 91 -4.63 18.32 -23.42
CA ILE B 91 -3.41 17.61 -23.09
C ILE B 91 -3.59 16.54 -22.01
N GLY B 92 -4.45 16.82 -21.03
CA GLY B 92 -4.70 15.87 -19.96
C GLY B 92 -5.31 14.59 -20.54
N LYS B 93 -6.32 14.78 -21.38
CA LYS B 93 -7.00 13.66 -22.02
C LYS B 93 -6.04 12.85 -22.88
N LEU B 94 -5.13 13.54 -23.56
CA LEU B 94 -4.14 12.88 -24.39
C LEU B 94 -3.24 11.99 -23.54
N PHE B 95 -2.83 12.47 -22.38
CA PHE B 95 -1.98 11.67 -21.49
C PHE B 95 -2.73 10.42 -21.06
N THR B 96 -4.02 10.58 -20.77
CA THR B 96 -4.86 9.46 -20.36
C THR B 96 -4.98 8.43 -21.48
N ILE B 97 -5.30 8.90 -22.68
CA ILE B 97 -5.43 8.01 -23.83
C ILE B 97 -4.11 7.29 -24.10
N ILE B 98 -2.99 7.99 -24.02
CA ILE B 98 -1.68 7.35 -24.24
C ILE B 98 -1.46 6.27 -23.19
N GLU B 99 -1.72 6.59 -21.93
CA GLU B 99 -1.56 5.64 -20.84
C GLU B 99 -2.42 4.37 -21.02
N LEU B 100 -3.70 4.56 -21.29
CA LEU B 100 -4.60 3.42 -21.44
C LEU B 100 -4.28 2.59 -22.69
N GLN B 101 -3.96 3.26 -23.81
CA GLN B 101 -3.62 2.51 -25.02
C GLN B 101 -2.34 1.71 -24.75
N SER B 102 -1.41 2.29 -23.99
CA SER B 102 -0.16 1.60 -23.66
C SER B 102 -0.41 0.30 -22.92
N VAL B 103 -1.35 0.33 -21.96
CA VAL B 103 -1.69 -0.87 -21.20
C VAL B 103 -2.13 -1.99 -22.15
N LEU B 104 -3.05 -1.67 -23.05
CA LEU B 104 -3.54 -2.66 -24.01
C LEU B 104 -2.42 -3.17 -24.91
N VAL B 105 -1.70 -2.25 -25.51
CA VAL B 105 -0.62 -2.62 -26.42
C VAL B 105 0.42 -3.53 -25.77
N THR B 106 0.81 -3.21 -24.55
CA THR B 106 1.83 -3.99 -23.86
C THR B 106 1.39 -5.22 -23.10
N THR B 107 0.13 -5.29 -22.69
CA THR B 107 -0.32 -6.41 -21.87
C THR B 107 -1.50 -7.28 -22.30
N TYR B 108 -2.35 -6.76 -23.17
CA TYR B 108 -3.53 -7.52 -23.57
C TYR B 108 -3.32 -8.98 -23.93
N THR B 109 -2.35 -9.26 -24.81
CA THR B 109 -2.14 -10.65 -25.22
C THR B 109 -1.66 -11.52 -24.06
N ASP B 110 -0.84 -10.95 -23.17
CA ASP B 110 -0.35 -11.74 -22.04
C ASP B 110 -1.43 -11.98 -20.99
N ILE B 111 -2.27 -10.97 -20.76
CA ILE B 111 -3.32 -11.08 -19.75
C ILE B 111 -4.60 -11.77 -20.23
N LEU B 112 -5.26 -11.18 -21.21
CA LEU B 112 -6.52 -11.72 -21.73
C LEU B 112 -6.40 -12.52 -23.02
N GLY B 113 -5.46 -12.14 -23.88
CA GLY B 113 -5.28 -12.84 -25.14
C GLY B 113 -5.05 -14.33 -24.98
N VAL B 114 -4.21 -14.71 -24.02
CA VAL B 114 -3.89 -16.12 -23.76
C VAL B 114 -5.12 -16.98 -23.48
N LEU B 115 -6.21 -16.35 -23.04
CA LEU B 115 -7.44 -17.06 -22.72
C LEU B 115 -8.06 -17.79 -23.90
N THR B 116 -7.73 -17.38 -25.12
CA THR B 116 -8.29 -18.04 -26.30
C THR B 116 -7.32 -18.95 -27.05
N ILE B 117 -6.23 -19.32 -26.39
CA ILE B 117 -5.25 -20.22 -27.00
C ILE B 117 -4.86 -21.31 -26.02
N ASN B 130 -16.45 -35.12 2.10
CA ASN B 130 -16.57 -35.47 3.50
C ASN B 130 -17.24 -34.33 4.29
N VAL B 131 -17.66 -33.29 3.58
CA VAL B 131 -18.30 -32.13 4.20
C VAL B 131 -19.61 -32.42 4.92
N THR B 132 -20.42 -33.30 4.34
CA THR B 132 -21.71 -33.67 4.90
C THR B 132 -21.78 -33.94 6.41
N SER B 133 -20.77 -34.62 6.95
CA SER B 133 -20.75 -34.94 8.37
C SER B 133 -20.39 -33.75 9.28
N MET B 134 -19.80 -32.72 8.68
CA MET B 134 -19.40 -31.54 9.43
C MET B 134 -20.48 -30.46 9.47
N GLU B 135 -21.60 -30.74 8.82
CA GLU B 135 -22.71 -29.80 8.77
C GLU B 135 -23.36 -29.59 10.13
N GLU B 136 -23.45 -30.67 10.91
CA GLU B 136 -24.05 -30.59 12.24
C GLU B 136 -23.18 -29.70 13.11
N LEU B 137 -21.87 -29.94 13.07
CA LEU B 137 -20.92 -29.15 13.85
C LEU B 137 -21.05 -27.68 13.48
N ALA B 138 -21.06 -27.41 12.18
CA ALA B 138 -21.19 -26.05 11.66
C ALA B 138 -22.47 -25.37 12.15
N ARG B 139 -23.60 -26.08 12.08
CA ARG B 139 -24.86 -25.50 12.54
C ARG B 139 -24.76 -25.09 14.01
N ASP B 140 -24.20 -25.98 14.83
CA ASP B 140 -24.06 -25.71 16.25
C ASP B 140 -23.24 -24.45 16.48
N MET B 141 -22.03 -24.43 15.92
CA MET B 141 -21.15 -23.28 16.06
C MET B 141 -21.83 -21.99 15.65
N LEU B 142 -22.38 -21.96 14.44
CA LEU B 142 -23.05 -20.76 13.94
C LEU B 142 -24.29 -20.36 14.73
N ASN B 143 -25.09 -21.34 15.16
CA ASN B 143 -26.30 -21.03 15.93
C ASN B 143 -25.97 -20.21 17.18
N SER B 144 -24.91 -20.61 17.89
CA SER B 144 -24.48 -19.90 19.10
C SER B 144 -24.09 -18.47 18.80
N MET B 145 -23.64 -18.22 17.57
CA MET B 145 -23.20 -16.90 17.15
C MET B 145 -24.29 -16.01 16.58
N ASN B 146 -25.42 -16.61 16.20
CA ASN B 146 -26.50 -15.83 15.63
C ASN B 146 -27.23 -15.05 16.72
N VAL B 147 -26.69 -13.88 17.07
CA VAL B 147 -27.27 -13.05 18.11
C VAL B 147 -27.49 -11.58 17.73
N ALA B 148 -27.35 -11.25 16.45
CA ALA B 148 -27.51 -9.87 16.00
C ALA B 148 -28.94 -9.46 15.67
N VAL B 149 -29.25 -8.19 15.92
CA VAL B 149 -30.59 -7.63 15.68
C VAL B 149 -31.64 -8.34 16.50
N VAL B 161 -23.53 -6.17 -9.67
CA VAL B 161 -24.42 -7.28 -9.93
C VAL B 161 -25.12 -7.10 -11.27
N SER B 162 -24.33 -6.81 -12.31
CA SER B 162 -24.89 -6.60 -13.63
C SER B 162 -25.03 -7.90 -14.42
N SER B 163 -25.66 -7.78 -15.58
CA SER B 163 -25.89 -8.89 -16.48
C SER B 163 -24.61 -9.61 -16.88
N LEU B 164 -23.53 -8.85 -17.05
CA LEU B 164 -22.25 -9.39 -17.47
C LEU B 164 -21.54 -10.37 -16.53
N VAL B 165 -21.88 -10.32 -15.24
CA VAL B 165 -21.22 -11.18 -14.26
C VAL B 165 -21.14 -12.65 -14.66
N LYS B 166 -22.22 -13.18 -15.21
CA LYS B 166 -22.27 -14.57 -15.64
C LYS B 166 -21.10 -14.88 -16.57
N ASN B 167 -20.95 -14.07 -17.62
CA ASN B 167 -19.87 -14.25 -18.59
C ASN B 167 -18.51 -13.97 -17.97
N VAL B 168 -18.43 -12.90 -17.17
CA VAL B 168 -17.16 -12.56 -16.55
C VAL B 168 -16.68 -13.69 -15.66
N ASN B 169 -17.58 -14.25 -14.85
CA ASN B 169 -17.18 -15.34 -13.98
C ASN B 169 -16.62 -16.50 -14.79
N LYS B 170 -17.29 -16.84 -15.88
CA LYS B 170 -16.81 -17.95 -16.72
C LYS B 170 -15.43 -17.65 -17.28
N LEU B 171 -15.19 -16.39 -17.64
CA LEU B 171 -13.89 -16.00 -18.16
C LEU B 171 -12.85 -16.14 -17.04
N MET B 172 -13.26 -15.83 -15.82
CA MET B 172 -12.36 -15.91 -14.67
C MET B 172 -11.95 -17.34 -14.32
N GLU B 173 -12.86 -18.29 -14.55
CA GLU B 173 -12.57 -19.70 -14.28
C GLU B 173 -11.35 -20.08 -15.11
N GLU B 174 -11.30 -19.57 -16.34
CA GLU B 174 -10.19 -19.82 -17.25
C GLU B 174 -8.98 -19.01 -16.82
N TYR B 175 -9.20 -17.74 -16.57
CA TYR B 175 -8.13 -16.83 -16.17
C TYR B 175 -7.30 -17.42 -15.03
N LEU B 176 -7.99 -17.95 -14.01
CA LEU B 176 -7.31 -18.53 -12.86
C LEU B 176 -6.35 -19.69 -13.23
N ARG B 177 -6.74 -20.51 -14.20
CA ARG B 177 -5.92 -21.64 -14.63
C ARG B 177 -4.71 -21.21 -15.43
N ARG B 178 -4.84 -20.08 -16.12
CA ARG B 178 -3.75 -19.58 -16.97
C ARG B 178 -2.83 -18.57 -16.29
N HIS B 179 -3.15 -18.17 -15.07
CA HIS B 179 -2.32 -17.19 -14.35
C HIS B 179 -2.08 -17.61 -12.90
N ASN B 180 -1.65 -18.86 -12.71
CA ASN B 180 -1.38 -19.40 -11.38
C ASN B 180 -0.45 -18.54 -10.54
N LYS B 181 0.55 -17.96 -11.20
CA LYS B 181 1.55 -17.15 -10.52
C LYS B 181 1.13 -15.74 -10.11
N SER B 182 0.16 -15.17 -10.80
CA SER B 182 -0.25 -13.80 -10.49
C SER B 182 -1.70 -13.63 -10.04
N CYS B 183 -2.45 -14.71 -9.94
CA CYS B 183 -3.85 -14.60 -9.54
C CYS B 183 -4.26 -15.82 -8.73
N ILE B 184 -4.71 -15.58 -7.49
CA ILE B 184 -5.17 -16.67 -6.65
C ILE B 184 -6.58 -16.33 -6.19
N CYS B 185 -7.33 -17.36 -5.87
CA CYS B 185 -8.72 -17.20 -5.49
C CYS B 185 -9.02 -17.54 -4.03
N TYR B 186 -9.99 -16.85 -3.46
CA TYR B 186 -10.41 -17.11 -2.10
C TYR B 186 -11.92 -16.89 -2.11
N GLY B 187 -12.60 -17.19 -1.02
CA GLY B 187 -14.05 -17.00 -1.03
C GLY B 187 -14.82 -18.23 -1.46
N SER B 188 -16.14 -18.10 -1.61
CA SER B 188 -16.98 -19.23 -1.96
C SER B 188 -16.60 -20.01 -3.22
N TYR B 189 -16.11 -19.34 -4.26
CA TYR B 189 -15.72 -20.08 -5.45
C TYR B 189 -14.62 -21.08 -5.12
N SER B 190 -13.63 -20.65 -4.35
CA SER B 190 -12.54 -21.55 -4.00
C SER B 190 -13.03 -22.75 -3.19
N LEU B 191 -14.05 -22.53 -2.35
CA LEU B 191 -14.61 -23.61 -1.54
C LEU B 191 -15.50 -24.47 -2.42
N TYR B 192 -16.08 -23.84 -3.45
CA TYR B 192 -16.94 -24.55 -4.40
C TYR B 192 -16.10 -25.61 -5.11
N LEU B 193 -14.81 -25.34 -5.28
CA LEU B 193 -13.91 -26.29 -5.93
C LEU B 193 -13.66 -27.49 -5.02
N ILE B 194 -14.00 -27.33 -3.75
CA ILE B 194 -13.84 -28.40 -2.77
C ILE B 194 -15.21 -29.03 -2.54
N ASN B 195 -16.25 -28.21 -2.59
CA ASN B 195 -17.61 -28.69 -2.40
C ASN B 195 -18.57 -28.06 -3.39
N PRO B 196 -18.86 -28.78 -4.48
CA PRO B 196 -19.76 -28.37 -5.57
C PRO B 196 -21.13 -27.89 -5.12
N ASN B 197 -21.49 -28.17 -3.87
CA ASN B 197 -22.77 -27.76 -3.34
C ASN B 197 -22.79 -26.31 -2.88
N ILE B 198 -21.65 -25.63 -3.04
CA ILE B 198 -21.55 -24.23 -2.64
C ILE B 198 -22.08 -23.33 -3.75
N ARG B 199 -23.03 -22.47 -3.39
CA ARG B 199 -23.60 -21.53 -4.36
C ARG B 199 -22.76 -20.24 -4.26
N TYR B 200 -21.72 -20.14 -5.08
CA TYR B 200 -20.86 -18.95 -5.05
C TYR B 200 -21.45 -17.81 -5.87
N GLY B 201 -21.40 -16.61 -5.30
CA GLY B 201 -21.93 -15.44 -5.96
C GLY B 201 -21.04 -14.86 -7.04
N ASP B 202 -19.73 -14.85 -6.77
CA ASP B 202 -18.74 -14.32 -7.69
C ASP B 202 -17.44 -15.06 -7.46
N ILE B 203 -16.34 -14.53 -7.96
CA ILE B 203 -15.05 -15.16 -7.75
C ILE B 203 -14.13 -14.10 -7.17
N ASP B 204 -13.72 -14.31 -5.92
CA ASP B 204 -12.85 -13.36 -5.23
C ASP B 204 -11.39 -13.66 -5.55
N ILE B 205 -10.64 -12.62 -5.93
CA ILE B 205 -9.24 -12.81 -6.30
C ILE B 205 -8.27 -11.77 -5.73
N LEU B 206 -7.03 -12.21 -5.63
CA LEU B 206 -5.92 -11.39 -5.17
C LEU B 206 -4.96 -11.51 -6.33
N GLN B 207 -4.43 -10.39 -6.82
CA GLN B 207 -3.50 -10.43 -7.95
C GLN B 207 -2.33 -9.51 -7.73
N THR B 208 -1.24 -9.78 -8.45
CA THR B 208 -0.05 -8.95 -8.39
C THR B 208 -0.10 -7.87 -9.47
N ASN B 209 -1.10 -7.93 -10.34
CA ASN B 209 -1.24 -6.95 -11.42
C ASN B 209 -2.68 -6.54 -11.61
N SER B 210 -3.39 -6.31 -10.50
CA SER B 210 -4.79 -5.93 -10.54
C SER B 210 -5.18 -4.82 -11.50
N ARG B 211 -4.51 -3.68 -11.43
CA ARG B 211 -4.82 -2.56 -12.29
C ARG B 211 -4.71 -2.91 -13.77
N THR B 212 -3.64 -3.61 -14.13
CA THR B 212 -3.43 -4.04 -15.52
C THR B 212 -4.57 -4.95 -15.95
N PHE B 213 -4.86 -5.94 -15.11
CA PHE B 213 -5.94 -6.87 -15.41
C PHE B 213 -7.26 -6.13 -15.57
N LEU B 214 -7.59 -5.27 -14.61
CA LEU B 214 -8.87 -4.56 -14.67
C LEU B 214 -9.00 -3.62 -15.85
N ILE B 215 -7.91 -2.94 -16.21
CA ILE B 215 -7.97 -2.04 -17.37
C ILE B 215 -8.22 -2.86 -18.65
N ASP B 216 -7.46 -3.95 -18.81
CA ASP B 216 -7.62 -4.80 -19.98
C ASP B 216 -9.04 -5.38 -20.06
N LEU B 217 -9.57 -5.83 -18.93
CA LEU B 217 -10.91 -6.40 -18.92
C LEU B 217 -11.95 -5.33 -19.19
N ALA B 218 -11.76 -4.14 -18.62
CA ALA B 218 -12.70 -3.04 -18.84
C ALA B 218 -12.76 -2.74 -20.34
N PHE B 219 -11.60 -2.74 -21.00
CA PHE B 219 -11.60 -2.48 -22.43
C PHE B 219 -12.31 -3.58 -23.20
N LEU B 220 -12.04 -4.83 -22.85
CA LEU B 220 -12.65 -5.97 -23.50
C LEU B 220 -14.18 -5.84 -23.45
N ILE B 221 -14.69 -5.52 -22.26
CA ILE B 221 -16.12 -5.38 -22.08
C ILE B 221 -16.65 -4.20 -22.89
N LYS B 222 -15.91 -3.09 -22.88
CA LYS B 222 -16.31 -1.90 -23.62
C LYS B 222 -16.41 -2.17 -25.13
N PHE B 223 -15.35 -2.77 -25.68
CA PHE B 223 -15.32 -3.07 -27.10
C PHE B 223 -16.44 -3.99 -27.53
N ILE B 224 -16.67 -5.05 -26.76
CA ILE B 224 -17.71 -6.01 -27.09
C ILE B 224 -19.15 -5.52 -26.87
N THR B 225 -19.41 -4.93 -25.71
CA THR B 225 -20.75 -4.49 -25.34
C THR B 225 -21.11 -3.04 -25.64
N GLY B 226 -20.10 -2.18 -25.76
CA GLY B 226 -20.40 -0.78 -26.01
C GLY B 226 -20.77 -0.07 -24.73
N ASN B 227 -20.82 -0.81 -23.62
CA ASN B 227 -21.17 -0.25 -22.33
C ASN B 227 -20.01 0.54 -21.73
N ASN B 228 -20.26 1.80 -21.36
CA ASN B 228 -19.25 2.67 -20.77
C ASN B 228 -18.94 2.29 -19.31
N ILE B 229 -18.14 1.24 -19.11
CA ILE B 229 -17.79 0.82 -17.75
C ILE B 229 -16.86 1.84 -17.09
N ILE B 230 -16.85 1.83 -15.77
CA ILE B 230 -16.03 2.73 -14.98
C ILE B 230 -15.21 1.89 -14.00
N LEU B 231 -13.93 2.20 -13.91
CA LEU B 231 -13.06 1.48 -12.98
C LEU B 231 -12.89 2.41 -11.80
N SER B 232 -13.18 1.97 -10.58
CA SER B 232 -12.98 2.86 -9.45
C SER B 232 -12.17 2.24 -8.31
N LYS B 233 -11.62 3.12 -7.48
CA LYS B 233 -10.81 2.70 -6.34
C LYS B 233 -11.50 3.22 -5.08
N ILE B 234 -11.70 2.32 -4.12
CA ILE B 234 -12.36 2.65 -2.86
C ILE B 234 -11.32 2.87 -1.78
N PRO B 235 -11.35 4.05 -1.13
CA PRO B 235 -10.43 4.49 -0.06
C PRO B 235 -10.37 3.66 1.22
N TYR B 236 -11.50 3.08 1.65
CA TYR B 236 -11.47 2.31 2.89
C TYR B 236 -11.05 0.86 2.78
N LEU B 237 -10.68 0.44 1.58
CA LEU B 237 -10.20 -0.92 1.35
C LEU B 237 -8.74 -0.75 0.88
N ARG B 238 -7.93 -1.78 1.07
CA ARG B 238 -6.50 -1.70 0.69
C ARG B 238 -6.18 -2.24 -0.70
N ASN B 239 -5.63 -1.36 -1.55
CA ASN B 239 -5.26 -1.71 -2.93
C ASN B 239 -6.42 -2.38 -3.64
N TYR B 240 -7.61 -1.84 -3.46
CA TYR B 240 -8.80 -2.42 -4.07
C TYR B 240 -9.35 -1.60 -5.23
N MET B 241 -9.71 -2.27 -6.32
CA MET B 241 -10.33 -1.61 -7.46
C MET B 241 -11.49 -2.46 -7.97
N VAL B 242 -12.50 -1.81 -8.53
CA VAL B 242 -13.68 -2.51 -9.04
C VAL B 242 -14.17 -1.94 -10.37
N ILE B 243 -14.68 -2.81 -11.24
CA ILE B 243 -15.24 -2.38 -12.51
C ILE B 243 -16.76 -2.42 -12.36
N LYS B 244 -17.40 -1.32 -12.70
CA LYS B 244 -18.85 -1.22 -12.63
C LYS B 244 -19.35 -0.76 -14.00
N ASP B 245 -20.57 -1.15 -14.36
CA ASP B 245 -21.14 -0.75 -15.64
C ASP B 245 -21.66 0.68 -15.61
N GLU B 246 -22.26 1.11 -16.72
CA GLU B 246 -22.81 2.44 -16.87
C GLU B 246 -23.86 2.79 -15.82
N ASN B 247 -24.63 1.79 -15.43
CA ASN B 247 -25.69 1.99 -14.45
C ASN B 247 -25.21 1.75 -13.04
N ASP B 248 -23.88 1.72 -12.89
CA ASP B 248 -23.25 1.53 -11.59
C ASP B 248 -23.44 0.12 -11.01
N ASN B 249 -23.69 -0.87 -11.86
CA ASN B 249 -23.84 -2.24 -11.40
C ASN B 249 -22.44 -2.87 -11.32
N HIS B 250 -22.22 -3.68 -10.30
CA HIS B 250 -20.96 -4.34 -10.06
C HIS B 250 -20.64 -5.43 -11.06
N ILE B 251 -19.45 -5.36 -11.68
CA ILE B 251 -19.04 -6.38 -12.65
C ILE B 251 -18.03 -7.32 -11.99
N ILE B 252 -16.93 -6.75 -11.53
CA ILE B 252 -15.88 -7.56 -10.91
C ILE B 252 -14.87 -6.66 -10.21
N ASP B 253 -14.22 -7.18 -9.16
CA ASP B 253 -13.23 -6.40 -8.46
C ASP B 253 -11.96 -7.22 -8.20
N SER B 254 -10.95 -6.57 -7.65
CA SER B 254 -9.69 -7.26 -7.38
C SER B 254 -8.85 -6.48 -6.38
N PHE B 255 -8.07 -7.21 -5.57
CA PHE B 255 -7.17 -6.61 -4.58
C PHE B 255 -5.77 -6.86 -5.12
N ASN B 256 -4.91 -5.84 -5.07
CA ASN B 256 -3.55 -5.99 -5.54
C ASN B 256 -2.64 -6.29 -4.37
N ILE B 257 -1.70 -7.21 -4.56
CA ILE B 257 -0.73 -7.54 -3.51
C ILE B 257 0.65 -7.66 -4.12
N ARG B 258 1.68 -7.38 -3.33
CA ARG B 258 3.06 -7.46 -3.79
C ARG B 258 3.44 -8.92 -4.01
N GLN B 259 4.54 -9.16 -4.72
CA GLN B 259 5.00 -10.50 -4.96
C GLN B 259 5.36 -11.20 -3.63
N ASP B 260 6.03 -10.51 -2.72
CA ASP B 260 6.38 -11.17 -1.47
C ASP B 260 5.14 -11.60 -0.70
N THR B 261 4.09 -10.79 -0.77
CA THR B 261 2.85 -11.14 -0.09
C THR B 261 2.28 -12.37 -0.78
N MET B 262 2.25 -12.35 -2.11
CA MET B 262 1.74 -13.49 -2.87
C MET B 262 2.51 -14.75 -2.49
N ASN B 263 3.83 -14.62 -2.39
CA ASN B 263 4.68 -15.75 -2.03
C ASN B 263 4.37 -16.40 -0.68
N VAL B 264 4.04 -15.59 0.33
CA VAL B 264 3.77 -16.16 1.66
C VAL B 264 2.34 -16.51 1.99
N VAL B 265 1.39 -16.05 1.19
CA VAL B 265 0.00 -16.38 1.46
C VAL B 265 -0.16 -17.91 1.38
N PRO B 266 -0.71 -18.53 2.45
CA PRO B 266 -0.89 -19.99 2.44
C PRO B 266 -1.80 -20.37 1.26
N LYS B 267 -1.34 -21.31 0.43
CA LYS B 267 -2.14 -21.69 -0.71
C LYS B 267 -2.13 -23.16 -1.05
N ILE B 268 -3.16 -23.58 -1.78
CA ILE B 268 -3.32 -24.97 -2.22
C ILE B 268 -3.60 -25.01 -3.72
N PHE B 269 -3.05 -26.02 -4.40
CA PHE B 269 -3.25 -26.18 -5.84
C PHE B 269 -4.43 -27.12 -6.07
N ILE B 270 -5.49 -26.61 -6.70
CA ILE B 270 -6.70 -27.39 -6.96
C ILE B 270 -7.25 -27.06 -8.35
N ASP B 271 -7.72 -28.08 -9.07
CA ASP B 271 -8.27 -27.91 -10.41
C ASP B 271 -7.45 -26.94 -11.26
N ASN B 272 -6.13 -27.08 -11.18
CA ASN B 272 -5.20 -26.25 -11.93
C ASN B 272 -5.16 -24.76 -11.61
N ILE B 273 -5.65 -24.38 -10.43
CA ILE B 273 -5.60 -22.98 -10.01
C ILE B 273 -5.17 -22.98 -8.55
N TYR B 274 -4.69 -21.83 -8.07
CA TYR B 274 -4.29 -21.74 -6.68
C TYR B 274 -5.38 -21.01 -5.91
N ILE B 275 -5.71 -21.55 -4.75
CA ILE B 275 -6.70 -20.92 -3.90
C ILE B 275 -5.99 -20.68 -2.58
N VAL B 276 -6.50 -19.74 -1.80
CA VAL B 276 -5.90 -19.49 -0.50
C VAL B 276 -6.25 -20.74 0.33
N ASP B 277 -5.29 -21.22 1.10
CA ASP B 277 -5.49 -22.40 1.93
C ASP B 277 -6.80 -22.32 2.74
N PRO B 278 -7.70 -23.28 2.56
CA PRO B 278 -8.96 -23.24 3.32
C PRO B 278 -8.74 -23.09 4.81
N THR B 279 -7.57 -23.51 5.29
CA THR B 279 -7.22 -23.40 6.70
C THR B 279 -7.10 -21.92 7.07
N PHE B 280 -6.47 -21.14 6.18
CA PHE B 280 -6.27 -19.72 6.39
C PHE B 280 -7.60 -19.00 6.25
N GLN B 281 -8.42 -19.43 5.29
CA GLN B 281 -9.72 -18.83 5.07
C GLN B 281 -10.67 -19.03 6.25
N LEU B 282 -10.49 -20.13 6.97
CA LEU B 282 -11.33 -20.41 8.12
C LEU B 282 -10.97 -19.39 9.20
N LEU B 283 -9.69 -19.10 9.31
CA LEU B 283 -9.24 -18.12 10.30
C LEU B 283 -9.88 -16.78 9.99
N ASN B 284 -9.90 -16.39 8.72
CA ASN B 284 -10.52 -15.12 8.38
C ASN B 284 -12.04 -15.13 8.59
N MET B 285 -12.66 -16.28 8.43
CA MET B 285 -14.12 -16.36 8.61
C MET B 285 -14.45 -16.05 10.07
N ILE B 286 -13.63 -16.57 10.96
CA ILE B 286 -13.79 -16.36 12.39
C ILE B 286 -13.56 -14.88 12.71
N LYS B 287 -12.53 -14.30 12.11
CA LYS B 287 -12.24 -12.88 12.32
C LYS B 287 -13.41 -12.05 11.78
N MET B 288 -13.93 -12.48 10.64
CA MET B 288 -15.03 -11.80 9.97
C MET B 288 -16.32 -11.66 10.78
N PHE B 289 -16.64 -12.64 11.61
CA PHE B 289 -17.87 -12.57 12.39
C PHE B 289 -17.81 -11.60 13.56
N SER B 290 -16.67 -10.96 13.73
CA SER B 290 -16.52 -9.97 14.79
C SER B 290 -17.18 -8.70 14.26
N GLN B 291 -17.26 -8.61 12.93
CA GLN B 291 -17.87 -7.47 12.26
C GLN B 291 -19.39 -7.57 12.36
N ILE B 292 -19.99 -6.65 13.13
CA ILE B 292 -21.42 -6.64 13.36
C ILE B 292 -22.23 -6.85 12.07
N ASP B 293 -21.82 -6.19 10.99
CA ASP B 293 -22.49 -6.32 9.70
C ASP B 293 -22.57 -7.76 9.21
N ARG B 294 -21.48 -8.49 9.40
CA ARG B 294 -21.41 -9.89 8.99
C ARG B 294 -22.29 -10.78 9.85
N LEU B 295 -22.41 -10.47 11.14
CA LEU B 295 -23.27 -11.26 12.02
C LEU B 295 -24.71 -11.03 11.61
N GLU B 296 -25.01 -9.83 11.13
CA GLU B 296 -26.35 -9.52 10.69
C GLU B 296 -26.63 -10.34 9.43
N ASP B 297 -25.61 -10.52 8.58
CA ASP B 297 -25.79 -11.33 7.36
C ASP B 297 -26.07 -12.77 7.78
N LEU B 298 -25.44 -13.18 8.87
CA LEU B 298 -25.60 -14.55 9.35
C LEU B 298 -27.06 -14.87 9.69
N SER B 299 -27.72 -13.95 10.42
CA SER B 299 -29.11 -14.15 10.79
C SER B 299 -30.03 -14.18 9.57
N LYS B 300 -29.66 -13.42 8.55
CA LYS B 300 -30.45 -13.35 7.33
C LYS B 300 -30.38 -14.61 6.48
N ASP B 301 -29.21 -15.25 6.41
CA ASP B 301 -29.05 -16.47 5.63
C ASP B 301 -28.08 -17.44 6.31
N PRO B 302 -28.51 -18.05 7.44
CA PRO B 302 -27.70 -19.01 8.20
C PRO B 302 -27.10 -20.16 7.38
N GLU B 303 -27.92 -20.76 6.51
CA GLU B 303 -27.46 -21.89 5.73
C GLU B 303 -26.37 -21.56 4.72
N LYS B 304 -26.36 -20.33 4.22
CA LYS B 304 -25.32 -19.93 3.28
C LYS B 304 -23.97 -20.14 3.96
N PHE B 305 -23.85 -19.63 5.18
CA PHE B 305 -22.61 -19.76 5.93
C PHE B 305 -22.34 -21.16 6.44
N ASN B 306 -23.39 -21.95 6.67
CA ASN B 306 -23.20 -23.30 7.16
C ASN B 306 -22.42 -24.17 6.18
N ALA B 307 -22.77 -24.09 4.91
CA ALA B 307 -22.11 -24.86 3.88
C ALA B 307 -20.63 -24.46 3.77
N ARG B 308 -20.38 -23.16 3.79
CA ARG B 308 -19.01 -22.65 3.70
C ARG B 308 -18.21 -23.11 4.91
N MET B 309 -18.76 -22.94 6.11
CA MET B 309 -18.03 -23.36 7.30
C MET B 309 -17.84 -24.86 7.34
N ALA B 310 -18.89 -25.61 7.03
CA ALA B 310 -18.81 -27.07 7.03
C ALA B 310 -17.67 -27.56 6.13
N THR B 311 -17.52 -26.92 4.97
CA THR B 311 -16.46 -27.32 4.04
C THR B 311 -15.08 -27.13 4.65
N MET B 312 -14.83 -25.94 5.20
CA MET B 312 -13.55 -25.65 5.82
C MET B 312 -13.28 -26.51 7.06
N LEU B 313 -14.33 -26.76 7.86
CA LEU B 313 -14.14 -27.60 9.03
C LEU B 313 -13.65 -28.98 8.61
N GLU B 314 -14.30 -29.57 7.62
CA GLU B 314 -13.91 -30.89 7.12
C GLU B 314 -12.49 -30.85 6.56
N TYR B 315 -12.16 -29.80 5.82
CA TYR B 315 -10.83 -29.67 5.24
C TYR B 315 -9.74 -29.75 6.30
N VAL B 316 -9.93 -28.97 7.36
CA VAL B 316 -8.97 -28.94 8.45
C VAL B 316 -8.98 -30.25 9.24
N ARG B 317 -10.16 -30.85 9.37
CA ARG B 317 -10.28 -32.12 10.09
C ARG B 317 -9.41 -33.18 9.42
N TYR B 318 -9.56 -33.31 8.10
CA TYR B 318 -8.83 -34.30 7.31
C TYR B 318 -7.36 -33.96 7.01
N THR B 319 -7.08 -32.69 6.71
CA THR B 319 -5.73 -32.28 6.38
C THR B 319 -4.79 -32.17 7.56
N HIS B 320 -5.30 -31.68 8.68
CA HIS B 320 -4.45 -31.50 9.85
C HIS B 320 -4.78 -32.43 11.01
N GLY B 321 -5.71 -33.34 10.79
CA GLY B 321 -6.06 -34.27 11.85
C GLY B 321 -6.56 -33.55 13.08
N ILE B 322 -7.40 -32.54 12.89
CA ILE B 322 -7.93 -31.82 14.03
C ILE B 322 -9.14 -32.56 14.59
N VAL B 323 -9.16 -32.72 15.90
CA VAL B 323 -10.26 -33.41 16.57
C VAL B 323 -11.21 -32.42 17.25
N PHE B 324 -12.49 -32.58 16.97
CA PHE B 324 -13.51 -31.72 17.55
C PHE B 324 -14.15 -32.38 18.76
N ASP B 325 -13.39 -32.46 19.85
CA ASP B 325 -13.84 -33.08 21.10
C ASP B 325 -14.48 -32.07 22.05
N GLY B 326 -14.55 -30.82 21.63
CA GLY B 326 -15.14 -29.79 22.48
C GLY B 326 -14.23 -29.35 23.61
N LYS B 327 -12.96 -29.79 23.59
CA LYS B 327 -12.02 -29.41 24.64
C LYS B 327 -11.47 -28.02 24.32
N ARG B 328 -11.84 -27.07 25.17
CA ARG B 328 -11.46 -25.67 25.04
C ARG B 328 -9.97 -25.36 25.27
N ASN B 329 -9.41 -25.93 26.33
CA ASN B 329 -8.02 -25.70 26.70
C ASN B 329 -7.84 -24.24 27.11
N ASN B 330 -6.80 -23.58 26.60
CA ASN B 330 -6.56 -22.19 26.95
C ASN B 330 -7.07 -21.18 25.91
N MET B 331 -8.10 -21.59 25.16
CA MET B 331 -8.66 -20.72 24.14
C MET B 331 -10.15 -20.50 24.41
N PRO B 332 -10.69 -19.32 24.06
CA PRO B 332 -9.96 -18.23 23.43
C PRO B 332 -9.12 -17.50 24.48
N MET B 333 -8.04 -16.85 24.05
CA MET B 333 -7.17 -16.12 24.96
C MET B 333 -7.92 -14.96 25.59
N LYS B 334 -7.47 -14.54 26.77
CA LYS B 334 -8.10 -13.43 27.48
C LYS B 334 -7.90 -12.14 26.69
N CYS B 335 -8.99 -11.40 26.52
CA CYS B 335 -8.97 -10.12 25.78
C CYS B 335 -9.55 -9.01 26.66
N ILE B 336 -8.72 -8.02 26.99
CA ILE B 336 -9.15 -6.92 27.83
C ILE B 336 -9.14 -5.63 27.02
N ILE B 337 -10.25 -4.90 27.02
CA ILE B 337 -10.29 -3.67 26.25
C ILE B 337 -10.14 -2.40 27.06
N ASP B 338 -9.33 -1.48 26.53
CA ASP B 338 -9.13 -0.18 27.14
C ASP B 338 -9.96 0.70 26.21
N GLU B 339 -11.20 0.96 26.60
CA GLU B 339 -12.10 1.76 25.78
C GLU B 339 -11.64 3.17 25.44
N ASN B 340 -10.97 3.86 26.37
CA ASN B 340 -10.48 5.21 26.13
C ASN B 340 -9.41 5.27 25.05
N ASN B 341 -8.49 4.31 25.08
CA ASN B 341 -7.42 4.27 24.10
C ASN B 341 -7.68 3.35 22.92
N ARG B 342 -8.86 2.72 22.89
CA ARG B 342 -9.22 1.82 21.81
C ARG B 342 -8.11 0.80 21.52
N ILE B 343 -7.68 0.12 22.58
CA ILE B 343 -6.65 -0.89 22.46
C ILE B 343 -7.03 -2.12 23.26
N VAL B 344 -7.13 -3.26 22.58
CA VAL B 344 -7.46 -4.51 23.24
C VAL B 344 -6.18 -5.32 23.51
N THR B 345 -5.96 -5.68 24.78
CA THR B 345 -4.78 -6.46 25.14
C THR B 345 -5.17 -7.92 25.15
N VAL B 346 -4.42 -8.72 24.41
CA VAL B 346 -4.67 -10.14 24.32
C VAL B 346 -3.53 -10.90 24.99
N THR B 347 -3.88 -11.73 25.96
CA THR B 347 -2.87 -12.52 26.66
C THR B 347 -2.54 -13.71 25.79
N THR B 348 -1.32 -13.72 25.25
CA THR B 348 -0.88 -14.77 24.35
C THR B 348 0.16 -15.72 24.90
N LYS B 349 0.64 -15.45 26.12
CA LYS B 349 1.67 -16.28 26.74
C LYS B 349 1.45 -17.79 26.78
N ASP B 350 0.20 -18.24 26.82
CA ASP B 350 -0.05 -19.68 26.87
C ASP B 350 0.23 -20.40 25.57
N TYR B 351 0.36 -19.66 24.47
CA TYR B 351 0.61 -20.28 23.16
C TYR B 351 1.82 -19.73 22.40
N PHE B 352 2.20 -18.49 22.66
CA PHE B 352 3.30 -17.90 21.92
C PHE B 352 4.43 -17.33 22.77
N SER B 353 5.57 -17.10 22.10
CA SER B 353 6.76 -16.57 22.74
C SER B 353 6.54 -15.13 23.20
N PHE B 354 5.64 -14.40 22.55
CA PHE B 354 5.36 -13.05 22.97
C PHE B 354 4.24 -13.18 24.01
N LYS B 355 4.44 -12.54 25.16
CA LYS B 355 3.50 -12.61 26.29
C LYS B 355 2.15 -11.99 26.08
N LYS B 356 2.08 -10.93 25.28
CA LYS B 356 0.80 -10.31 25.02
C LYS B 356 0.84 -9.56 23.70
N CYS B 357 -0.35 -9.32 23.16
CA CYS B 357 -0.49 -8.61 21.90
C CYS B 357 -1.41 -7.42 22.13
N LEU B 358 -0.93 -6.23 21.75
CA LEU B 358 -1.74 -5.04 21.87
C LEU B 358 -2.41 -4.86 20.52
N VAL B 359 -3.74 -4.96 20.51
CA VAL B 359 -4.51 -4.84 19.29
C VAL B 359 -5.18 -3.46 19.23
N TYR B 360 -4.66 -2.61 18.35
CA TYR B 360 -5.18 -1.26 18.15
C TYR B 360 -6.43 -1.25 17.27
N LEU B 361 -7.36 -0.35 17.57
CA LEU B 361 -8.58 -0.26 16.76
C LEU B 361 -8.46 0.90 15.79
N ASP B 362 -7.40 1.69 15.93
CA ASP B 362 -7.13 2.83 15.05
C ASP B 362 -5.76 2.57 14.42
N GLU B 363 -5.76 2.26 13.14
CA GLU B 363 -4.53 1.94 12.41
C GLU B 363 -3.52 3.08 12.34
N ASN B 364 -3.99 4.32 12.29
CA ASN B 364 -3.06 5.44 12.23
C ASN B 364 -2.31 5.57 13.56
N VAL B 365 -2.98 5.25 14.66
CA VAL B 365 -2.34 5.32 15.97
C VAL B 365 -1.28 4.23 16.09
N LEU B 366 -1.59 3.04 15.58
CA LEU B 366 -0.62 1.94 15.61
C LEU B 366 0.63 2.37 14.84
N SER B 367 0.41 2.89 13.63
CA SER B 367 1.50 3.33 12.76
C SER B 367 2.40 4.38 13.42
N SER B 368 1.78 5.32 14.13
CA SER B 368 2.55 6.35 14.81
C SER B 368 3.33 5.78 15.99
N ASP B 369 2.69 4.90 16.76
CA ASP B 369 3.35 4.29 17.92
C ASP B 369 4.53 3.41 17.49
N ILE B 370 4.41 2.73 16.36
CA ILE B 370 5.49 1.87 15.87
C ILE B 370 6.67 2.75 15.47
N LEU B 371 6.38 3.87 14.82
CA LEU B 371 7.41 4.81 14.41
C LEU B 371 8.14 5.31 15.65
N ASP B 372 7.39 5.63 16.69
CA ASP B 372 7.99 6.11 17.94
C ASP B 372 8.88 5.06 18.61
N LEU B 373 8.68 3.80 18.25
CA LEU B 373 9.48 2.71 18.80
C LEU B 373 10.74 2.52 17.96
N ASN B 374 10.89 3.31 16.91
CA ASN B 374 12.03 3.22 15.98
C ASN B 374 12.00 1.87 15.26
N ALA B 375 10.81 1.30 15.07
CA ALA B 375 10.69 0.00 14.39
C ALA B 375 10.38 0.20 12.91
N ASP B 376 11.32 -0.20 12.05
CA ASP B 376 11.16 -0.02 10.61
C ASP B 376 10.77 -1.26 9.82
N THR B 377 10.72 -2.41 10.46
CA THR B 377 10.43 -3.64 9.74
C THR B 377 9.20 -4.43 10.17
N SER B 378 8.08 -3.74 10.40
CA SER B 378 6.85 -4.43 10.78
C SER B 378 6.45 -5.28 9.58
N CYS B 379 5.99 -6.50 9.83
CA CYS B 379 5.56 -7.40 8.76
C CYS B 379 4.19 -7.00 8.21
N ASP B 380 4.13 -6.63 6.94
CA ASP B 380 2.86 -6.24 6.33
C ASP B 380 2.39 -7.25 5.30
N PHE B 381 1.08 -7.52 5.30
CA PHE B 381 0.49 -8.46 4.37
C PHE B 381 -0.67 -7.85 3.60
N GLU B 382 -0.70 -6.52 3.56
CA GLU B 382 -1.70 -5.78 2.80
C GLU B 382 -3.13 -6.18 3.13
N SER B 383 -3.99 -6.32 2.11
CA SER B 383 -5.39 -6.69 2.36
C SER B 383 -5.58 -8.09 2.91
N VAL B 384 -4.54 -8.91 2.83
CA VAL B 384 -4.65 -10.28 3.35
C VAL B 384 -4.96 -10.26 4.87
N THR B 385 -4.30 -9.36 5.59
CA THR B 385 -4.51 -9.27 7.03
C THR B 385 -5.07 -7.91 7.40
N ASN B 386 -4.95 -6.96 6.49
CA ASN B 386 -5.40 -5.59 6.74
C ASN B 386 -4.73 -5.06 7.97
N SER B 387 -3.44 -5.38 8.11
CA SER B 387 -2.67 -4.90 9.21
C SER B 387 -1.26 -5.39 9.14
N VAL B 388 -0.42 -4.64 9.83
CA VAL B 388 0.99 -4.91 9.97
C VAL B 388 1.05 -5.74 11.28
N TYR B 389 2.16 -6.43 11.52
CA TYR B 389 2.35 -7.17 12.76
C TYR B 389 3.79 -6.92 13.18
N LEU B 390 3.99 -6.44 14.41
CA LEU B 390 5.32 -6.20 14.93
C LEU B 390 5.52 -6.83 16.30
N ILE B 391 6.60 -7.58 16.45
CA ILE B 391 6.93 -8.16 17.75
C ILE B 391 8.14 -7.33 18.16
N HIS B 392 8.01 -6.64 19.30
CA HIS B 392 9.06 -5.77 19.80
C HIS B 392 9.14 -5.95 21.32
N ASP B 393 10.33 -6.33 21.80
CA ASP B 393 10.53 -6.58 23.23
C ASP B 393 9.46 -7.55 23.71
N ASN B 394 9.22 -8.59 22.91
CA ASN B 394 8.25 -9.63 23.22
C ASN B 394 6.80 -9.25 23.41
N ILE B 395 6.39 -8.18 22.73
CA ILE B 395 5.01 -7.73 22.76
C ILE B 395 4.64 -7.59 21.30
N MET B 396 3.54 -8.21 20.90
CA MET B 396 3.10 -8.08 19.52
C MET B 396 2.20 -6.85 19.44
N TYR B 397 2.33 -6.14 18.32
CA TYR B 397 1.54 -4.95 18.04
C TYR B 397 0.85 -5.17 16.70
N THR B 398 -0.45 -4.95 16.64
CA THR B 398 -1.18 -5.12 15.39
C THR B 398 -2.47 -4.29 15.44
N TYR B 399 -3.24 -4.33 14.36
CA TYR B 399 -4.47 -3.57 14.24
C TYR B 399 -5.59 -4.48 13.78
N PHE B 400 -6.79 -4.26 14.32
CA PHE B 400 -7.97 -5.08 14.00
C PHE B 400 -8.94 -4.20 13.20
N SER B 401 -9.19 -4.61 11.95
CA SER B 401 -10.04 -3.84 11.05
C SER B 401 -11.55 -4.01 11.18
N ASN B 402 -12.00 -4.86 12.10
CA ASN B 402 -13.44 -5.07 12.29
C ASN B 402 -13.90 -4.53 13.63
N THR B 403 -15.21 -4.34 13.76
CA THR B 403 -15.80 -3.88 15.01
C THR B 403 -15.48 -4.90 16.09
N ILE B 404 -15.34 -4.43 17.33
CA ILE B 404 -15.11 -5.30 18.47
C ILE B 404 -16.47 -5.40 19.17
N LEU B 405 -16.97 -6.62 19.33
CA LEU B 405 -18.26 -6.84 19.99
C LEU B 405 -18.06 -6.95 21.49
N LEU B 406 -18.98 -6.37 22.25
CA LEU B 406 -18.93 -6.40 23.71
C LEU B 406 -20.15 -7.14 24.26
N SER B 407 -19.94 -7.91 25.31
CA SER B 407 -20.99 -8.68 25.95
C SER B 407 -21.54 -7.89 27.12
N ASP B 408 -20.71 -6.99 27.63
CA ASP B 408 -21.05 -6.13 28.76
C ASP B 408 -20.21 -4.87 28.68
N LYS B 409 -20.53 -3.93 29.57
CA LYS B 409 -19.80 -2.67 29.62
C LYS B 409 -18.32 -2.99 29.83
N GLY B 410 -17.48 -2.57 28.88
CA GLY B 410 -16.06 -2.85 28.99
C GLY B 410 -15.67 -4.32 28.95
N LYS B 411 -16.53 -5.19 28.43
CA LYS B 411 -16.19 -6.61 28.34
C LYS B 411 -16.28 -7.09 26.90
N VAL B 412 -15.21 -7.70 26.41
CA VAL B 412 -15.17 -8.19 25.04
C VAL B 412 -15.98 -9.47 24.89
N HIS B 413 -16.84 -9.48 23.87
CA HIS B 413 -17.68 -10.65 23.60
C HIS B 413 -16.82 -11.80 23.10
N GLU B 414 -17.17 -13.02 23.50
CA GLU B 414 -16.37 -14.15 23.09
C GLU B 414 -16.25 -14.28 21.57
N ILE B 415 -17.23 -13.78 20.83
CA ILE B 415 -17.17 -13.85 19.37
C ILE B 415 -15.97 -13.04 18.87
N SER B 416 -15.71 -11.90 19.53
CA SER B 416 -14.61 -11.03 19.16
C SER B 416 -13.28 -11.54 19.69
N ALA B 417 -13.31 -12.20 20.85
CA ALA B 417 -12.09 -12.77 21.43
C ALA B 417 -11.58 -13.83 20.46
N ARG B 418 -12.50 -14.60 19.88
CA ARG B 418 -12.11 -15.61 18.90
C ARG B 418 -11.56 -14.87 17.67
N GLY B 419 -12.29 -13.84 17.24
CA GLY B 419 -11.86 -13.07 16.10
C GLY B 419 -10.44 -12.54 16.26
N LEU B 420 -10.14 -12.00 17.44
CA LEU B 420 -8.82 -11.47 17.71
C LEU B 420 -7.75 -12.57 17.72
N CYS B 421 -8.13 -13.74 18.27
CA CYS B 421 -7.23 -14.88 18.31
C CYS B 421 -6.96 -15.33 16.87
N ALA B 422 -8.00 -15.34 16.06
CA ALA B 422 -7.89 -15.74 14.67
C ALA B 422 -6.95 -14.79 13.91
N HIS B 423 -7.10 -13.49 14.16
CA HIS B 423 -6.27 -12.47 13.51
C HIS B 423 -4.77 -12.71 13.82
N ILE B 424 -4.48 -13.06 15.06
CA ILE B 424 -3.11 -13.34 15.47
C ILE B 424 -2.59 -14.59 14.77
N LEU B 425 -3.45 -15.60 14.60
CA LEU B 425 -3.03 -16.83 13.93
C LEU B 425 -2.72 -16.63 12.45
N LEU B 426 -3.31 -15.60 11.84
CA LEU B 426 -3.04 -15.31 10.43
C LEU B 426 -1.52 -15.10 10.28
N TYR B 427 -0.98 -14.29 11.20
CA TYR B 427 0.45 -13.98 11.23
C TYR B 427 1.26 -15.26 11.40
N GLN B 428 0.79 -16.13 12.29
CA GLN B 428 1.48 -17.38 12.53
C GLN B 428 1.56 -18.19 11.25
N MET B 429 0.46 -18.25 10.52
CA MET B 429 0.42 -18.99 9.26
C MET B 429 1.25 -18.33 8.16
N LEU B 430 1.25 -16.99 8.14
CA LEU B 430 1.97 -16.24 7.13
C LEU B 430 3.49 -16.30 7.28
N THR B 431 3.94 -16.60 8.48
CA THR B 431 5.37 -16.67 8.75
C THR B 431 5.85 -18.08 9.09
N SER B 432 5.02 -19.08 8.78
CA SER B 432 5.35 -20.47 9.03
C SER B 432 5.63 -20.77 10.49
N GLY B 433 4.84 -20.18 11.38
CA GLY B 433 5.01 -20.43 12.80
C GLY B 433 4.01 -21.50 13.25
N GLU B 434 4.04 -21.86 14.53
CA GLU B 434 3.12 -22.87 15.05
C GLU B 434 1.71 -22.27 15.12
N TYR B 435 0.69 -23.07 14.80
CA TYR B 435 -0.68 -22.58 14.84
C TYR B 435 -1.71 -23.71 14.99
N LYS B 436 -1.30 -24.92 14.62
CA LYS B 436 -2.17 -26.10 14.67
C LYS B 436 -2.96 -26.27 15.96
N GLN B 437 -2.25 -26.47 17.07
CA GLN B 437 -2.89 -26.66 18.36
C GLN B 437 -3.82 -25.51 18.73
N CYS B 438 -3.30 -24.28 18.60
CA CYS B 438 -4.10 -23.11 18.93
C CYS B 438 -5.38 -23.07 18.09
N LEU B 439 -5.28 -23.42 16.82
CA LEU B 439 -6.44 -23.43 15.94
C LEU B 439 -7.44 -24.49 16.40
N SER B 440 -6.92 -25.64 16.79
CA SER B 440 -7.75 -26.73 17.27
C SER B 440 -8.50 -26.27 18.52
N ASP B 441 -7.77 -25.68 19.46
CA ASP B 441 -8.42 -25.19 20.68
C ASP B 441 -9.44 -24.10 20.35
N LEU B 442 -9.13 -23.23 19.41
CA LEU B 442 -10.05 -22.15 19.06
C LEU B 442 -11.34 -22.74 18.51
N LEU B 443 -11.20 -23.66 17.56
CA LEU B 443 -12.36 -24.29 16.96
C LEU B 443 -13.18 -25.03 18.02
N ASN B 444 -12.50 -25.80 18.86
CA ASN B 444 -13.21 -26.52 19.90
C ASN B 444 -13.93 -25.58 20.86
N SER B 445 -13.37 -24.38 21.08
CA SER B 445 -14.00 -23.41 21.98
C SER B 445 -15.32 -22.85 21.45
N MET B 446 -15.63 -23.14 20.19
CA MET B 446 -16.87 -22.65 19.58
C MET B 446 -18.01 -23.65 19.77
N MET B 447 -17.69 -24.81 20.33
CA MET B 447 -18.68 -25.86 20.54
C MET B 447 -19.46 -25.75 21.85
N ASN B 448 -20.70 -26.20 21.81
CA ASN B 448 -21.59 -26.22 22.98
C ASN B 448 -21.63 -24.89 23.69
N ARG B 449 -21.91 -23.82 22.96
CA ARG B 449 -21.98 -22.49 23.54
C ARG B 449 -23.40 -21.95 23.56
N ASP B 450 -23.70 -21.17 24.60
CA ASP B 450 -25.02 -20.55 24.71
C ASP B 450 -24.95 -19.25 23.96
N LYS B 451 -26.09 -18.79 23.46
CA LYS B 451 -26.11 -17.52 22.77
C LYS B 451 -25.87 -16.44 23.81
N ILE B 452 -25.03 -15.48 23.46
CA ILE B 452 -24.72 -14.38 24.36
C ILE B 452 -25.06 -13.11 23.60
N PRO B 453 -26.03 -12.34 24.09
CA PRO B 453 -26.37 -11.12 23.37
C PRO B 453 -25.24 -10.10 23.32
N ILE B 454 -25.28 -9.25 22.31
CA ILE B 454 -24.28 -8.21 22.13
C ILE B 454 -24.79 -6.98 22.86
N TYR B 455 -23.99 -6.49 23.80
CA TYR B 455 -24.33 -5.31 24.57
C TYR B 455 -24.05 -4.07 23.73
N SER B 456 -22.93 -4.09 23.00
CA SER B 456 -22.52 -2.96 22.19
C SER B 456 -21.30 -3.37 21.37
N HIS B 457 -20.80 -2.45 20.56
CA HIS B 457 -19.62 -2.73 19.76
C HIS B 457 -18.89 -1.43 19.43
N THR B 458 -17.58 -1.54 19.21
CA THR B 458 -16.77 -0.39 18.85
C THR B 458 -17.02 -0.08 17.36
N GLU B 459 -16.73 1.15 16.96
CA GLU B 459 -16.87 1.54 15.56
C GLU B 459 -15.46 1.36 14.95
N ARG B 460 -15.40 1.06 13.67
CA ARG B 460 -14.13 0.90 12.97
C ARG B 460 -13.52 2.29 12.88
N ASP B 461 -12.21 2.38 12.73
CA ASP B 461 -11.58 3.69 12.60
C ASP B 461 -11.93 4.25 11.21
N LYS B 462 -11.86 5.56 11.08
CA LYS B 462 -12.16 6.21 9.81
C LYS B 462 -10.98 6.04 8.86
N LYS B 463 -11.28 5.84 7.58
CA LYS B 463 -10.23 5.68 6.59
C LYS B 463 -10.40 6.77 5.52
N PRO B 464 -9.56 7.80 5.59
CA PRO B 464 -9.54 8.95 4.69
C PRO B 464 -9.18 8.56 3.27
N GLY B 465 -9.55 9.41 2.32
CA GLY B 465 -9.21 9.11 0.94
C GLY B 465 -10.30 9.40 -0.05
N ARG B 466 -9.88 9.58 -1.29
CA ARG B 466 -10.78 9.88 -2.41
C ARG B 466 -11.26 8.60 -3.08
N HIS B 467 -12.43 8.68 -3.71
CA HIS B 467 -12.95 7.57 -4.49
C HIS B 467 -12.39 7.87 -5.87
N GLY B 468 -11.28 7.23 -6.22
CA GLY B 468 -10.67 7.46 -7.52
C GLY B 468 -11.34 6.68 -8.62
N PHE B 469 -11.07 7.05 -9.86
CA PHE B 469 -11.69 6.34 -10.96
C PHE B 469 -11.01 6.58 -12.29
N ILE B 470 -11.29 5.69 -13.23
CA ILE B 470 -10.79 5.78 -14.60
C ILE B 470 -12.03 5.71 -15.48
N ASN B 471 -12.28 6.78 -16.25
CA ASN B 471 -13.42 6.80 -17.14
C ASN B 471 -12.87 6.80 -18.56
N ILE B 472 -12.83 5.62 -19.18
CA ILE B 472 -12.30 5.48 -20.53
C ILE B 472 -13.02 6.37 -21.53
N GLU B 473 -14.35 6.33 -21.49
CA GLU B 473 -15.20 7.11 -22.38
C GLU B 473 -14.83 8.59 -22.31
N LYS B 474 -14.70 9.10 -21.08
CA LYS B 474 -14.38 10.51 -20.86
C LYS B 474 -12.89 10.87 -20.86
N ASP B 475 -12.02 9.87 -21.04
CA ASP B 475 -10.58 10.12 -21.04
C ASP B 475 -10.16 10.77 -19.73
N ILE B 476 -10.72 10.27 -18.64
CA ILE B 476 -10.43 10.80 -17.31
C ILE B 476 -9.87 9.77 -16.36
N ILE B 477 -8.87 10.18 -15.61
CA ILE B 477 -8.25 9.35 -14.59
C ILE B 477 -8.05 10.29 -13.43
N VAL B 478 -8.61 9.94 -12.28
CA VAL B 478 -8.50 10.77 -11.10
C VAL B 478 -8.22 9.91 -9.87
N PHE B 479 -7.14 10.22 -9.17
CA PHE B 479 -6.78 9.50 -7.96
C PHE B 479 -6.34 10.49 -6.88
#